data_2Y2Q
#
_entry.id   2Y2Q
#
_cell.length_a   96.152
_cell.length_b   101.806
_cell.length_c   145.370
_cell.angle_alpha   90.00
_cell.angle_beta   90.00
_cell.angle_gamma   90.00
#
_symmetry.space_group_name_H-M   'P 21 21 21'
#
loop_
_entity.id
_entity.type
_entity.pdbx_description
1 polymer 'PENICILLIN-BINDING PROTEIN 1B'
2 non-polymer (3-acetamido-5-carboxy-phenyl)-trihydroxy-boron
3 non-polymer 'SULFATE ION'
4 non-polymer 'CHLORIDE ION'
5 non-polymer 'SODIUM ION'
6 non-polymer 1,2-ETHANEDIOL
7 water water
#
_entity_poly.entity_id   1
_entity_poly.type   'polypeptide(L)'
_entity_poly.pdbx_seq_one_letter_code
;DISSISEITYSDGTVIASIESDLLRQDFLPSGTVTGISRDYLYFTTLAEAQERMYDYLAQRDNVSAKELKNEATQKFYRD
LAAKEIENGGYKITTTIDQKIHSAMQSAVADYGYLLDDGTGRVEVGNVLMDNQTGAILGFVGGRNYQENQNNHAFDTKRS
PASTTKPLLAYGIAIDQGLMGSETILSNYPTNFANGNPIMYANSKGTGMMTLGEALNYSWNIPAYWTYRMLRENGVDVKG
YMEKMGYEIPEYGIESLPMGGGIEVTVAQHTNGYQTLANNGVYHQKHVISKIEAADGRVVYEYQDKPVQVYSKATATIMQ
GLLREVLSSRVTTTFKSNLTSLNPTLANADWIGKTGTTGQDENMWLMLSTPRLTLGGWIGHDDNHSLSQQAGYSNNSNYM
AHLVNAIQQASPSIWGNERFALDPSVVKSEVLKSTGQKPGKVSVEGKEVEVTGSTVTSYWANKSGAPATSYRFAIGGSDA
DYQNAWSSIVGSLP
;
_entity_poly.pdbx_strand_id   A,B
#
loop_
_chem_comp.id
_chem_comp.type
_chem_comp.name
_chem_comp.formula
CL non-polymer 'CHLORIDE ION' 'Cl -1'
EDO non-polymer 1,2-ETHANEDIOL 'C2 H6 O2'
NA non-polymer 'SODIUM ION' 'Na 1'
SO4 non-polymer 'SULFATE ION' 'O4 S -2'
Z06 non-polymer (3-acetamido-5-carboxy-phenyl)-trihydroxy-boron 'C9 H11 B N O6 -1'
#
# COMPACT_ATOMS: atom_id res chain seq x y z
N ILE A 5 -53.67 5.27 8.43
CA ILE A 5 -52.41 5.77 9.06
C ILE A 5 -51.18 5.58 8.15
N SER A 6 -50.14 6.36 8.40
CA SER A 6 -49.13 6.74 7.38
C SER A 6 -48.05 5.67 7.10
N GLU A 7 -47.39 5.79 5.95
CA GLU A 7 -46.34 4.87 5.58
C GLU A 7 -45.08 5.59 5.07
N ILE A 8 -43.92 5.00 5.37
CA ILE A 8 -42.66 5.30 4.69
C ILE A 8 -42.26 4.14 3.77
N THR A 9 -41.99 4.43 2.51
CA THR A 9 -41.57 3.37 1.58
C THR A 9 -40.08 3.48 1.18
N TYR A 10 -39.50 2.36 0.76
CA TYR A 10 -38.37 2.38 -0.15
C TYR A 10 -38.69 3.05 -1.48
N SER A 11 -37.67 3.24 -2.32
CA SER A 11 -37.88 3.91 -3.58
C SER A 11 -38.87 3.20 -4.49
N ASP A 12 -38.94 1.86 -4.39
CA ASP A 12 -39.85 1.04 -5.24
C ASP A 12 -41.29 0.95 -4.73
N GLY A 13 -41.57 1.59 -3.59
CA GLY A 13 -42.91 1.66 -3.05
C GLY A 13 -43.12 0.65 -1.93
N THR A 14 -42.10 -0.18 -1.70
CA THR A 14 -42.13 -1.16 -0.62
C THR A 14 -42.16 -0.46 0.73
N VAL A 15 -43.11 -0.86 1.57
CA VAL A 15 -43.23 -0.23 2.88
C VAL A 15 -42.02 -0.56 3.75
N ILE A 16 -41.42 0.48 4.34
CA ILE A 16 -40.45 0.30 5.42
C ILE A 16 -41.15 0.07 6.76
N ALA A 17 -41.81 1.11 7.27
CA ALA A 17 -42.75 0.96 8.38
C ALA A 17 -44.00 1.84 8.20
N SER A 18 -45.04 1.55 8.97
CA SER A 18 -46.05 2.54 9.29
C SER A 18 -45.74 3.24 10.61
N ILE A 19 -46.27 4.45 10.80
CA ILE A 19 -45.94 5.27 11.96
C ILE A 19 -46.92 5.11 13.13
N ASP A 40 -33.84 0.19 11.85
CA ASP A 40 -33.95 1.06 13.01
C ASP A 40 -33.29 2.41 12.80
N TYR A 41 -31.99 2.41 12.43
CA TYR A 41 -31.39 3.65 11.91
C TYR A 41 -32.30 4.14 10.81
N LEU A 42 -32.67 3.22 9.91
CA LEU A 42 -33.56 3.49 8.78
C LEU A 42 -34.86 4.17 9.19
N TYR A 43 -35.59 3.58 10.15
CA TYR A 43 -36.84 4.19 10.62
C TYR A 43 -36.67 5.67 11.01
N PHE A 44 -35.92 5.93 12.08
CA PHE A 44 -35.78 7.29 12.60
C PHE A 44 -35.15 8.30 11.63
N THR A 45 -34.21 7.86 10.81
CA THR A 45 -33.58 8.77 9.88
C THR A 45 -34.63 9.28 8.93
N THR A 46 -35.40 8.36 8.37
CA THR A 46 -36.31 8.70 7.29
C THR A 46 -37.48 9.49 7.86
N LEU A 47 -37.90 9.13 9.07
CA LEU A 47 -39.02 9.78 9.72
C LEU A 47 -38.65 11.21 10.08
N ALA A 48 -37.48 11.38 10.69
CA ALA A 48 -37.04 12.71 11.12
C ALA A 48 -36.97 13.66 9.93
N GLU A 49 -36.55 13.14 8.79
CA GLU A 49 -36.43 13.94 7.59
C GLU A 49 -37.82 14.25 7.05
N ALA A 50 -38.70 13.26 7.06
CA ALA A 50 -40.10 13.46 6.67
C ALA A 50 -40.75 14.55 7.54
N GLN A 51 -40.44 14.53 8.84
CA GLN A 51 -41.02 15.50 9.76
C GLN A 51 -40.51 16.90 9.46
N GLU A 52 -39.25 16.99 9.03
CA GLU A 52 -38.64 18.27 8.69
C GLU A 52 -39.27 18.88 7.46
N ARG A 53 -39.53 18.05 6.46
CA ARG A 53 -40.34 18.47 5.31
C ARG A 53 -41.79 18.82 5.70
N MET A 54 -42.37 18.02 6.59
CA MET A 54 -43.71 18.32 7.08
C MET A 54 -43.71 19.65 7.83
N TYR A 55 -42.62 19.95 8.53
CA TYR A 55 -42.50 21.18 9.31
C TYR A 55 -42.50 22.39 8.36
N ASP A 56 -41.75 22.26 7.27
CA ASP A 56 -41.72 23.32 6.28
C ASP A 56 -43.11 23.48 5.69
N TYR A 57 -43.78 22.37 5.43
CA TYR A 57 -45.01 22.44 4.66
C TYR A 57 -46.07 23.21 5.47
N LEU A 58 -46.10 22.93 6.77
CA LEU A 58 -47.10 23.50 7.69
C LEU A 58 -46.80 24.97 8.02
N ALA A 59 -45.53 25.28 8.26
CA ALA A 59 -45.14 26.68 8.40
C ALA A 59 -45.50 27.50 7.17
N GLN A 60 -45.35 26.94 5.97
CA GLN A 60 -45.79 27.71 4.82
C GLN A 60 -47.31 27.71 4.70
N ARG A 61 -47.95 26.61 5.10
CA ARG A 61 -49.41 26.49 4.97
C ARG A 61 -50.12 27.48 5.88
N ASP A 62 -49.52 27.75 7.03
CA ASP A 62 -50.06 28.70 8.00
C ASP A 62 -49.48 30.09 7.82
N ASN A 63 -48.69 30.28 6.77
CA ASN A 63 -48.08 31.59 6.53
C ASN A 63 -47.23 32.13 7.68
N VAL A 64 -46.61 31.25 8.45
CA VAL A 64 -45.72 31.68 9.52
C VAL A 64 -44.57 32.53 8.98
N SER A 65 -44.48 33.79 9.43
CA SER A 65 -43.37 34.69 9.04
C SER A 65 -41.99 34.17 9.42
N ALA A 66 -40.96 34.72 8.79
CA ALA A 66 -39.61 34.20 8.95
C ALA A 66 -39.05 34.65 10.30
N LYS A 67 -39.46 35.83 10.74
CA LYS A 67 -39.28 36.24 12.13
C LYS A 67 -39.86 35.21 13.08
N GLU A 68 -41.13 34.88 12.86
CA GLU A 68 -41.85 33.91 13.67
C GLU A 68 -41.09 32.58 13.74
N LEU A 69 -40.62 32.12 12.58
CA LEU A 69 -39.93 30.83 12.51
C LEU A 69 -38.60 30.78 13.26
N LYS A 70 -38.00 31.94 13.55
CA LYS A 70 -36.82 32.03 14.42
C LYS A 70 -37.14 31.84 15.91
N ASN A 71 -38.33 32.27 16.31
CA ASN A 71 -38.89 32.00 17.65
C ASN A 71 -38.87 30.53 18.10
N GLU A 72 -38.33 30.27 19.29
CA GLU A 72 -38.13 28.89 19.78
C GLU A 72 -39.46 28.21 20.05
N ALA A 73 -40.35 28.93 20.72
CA ALA A 73 -41.68 28.42 21.06
C ALA A 73 -42.44 27.99 19.82
N THR A 74 -42.43 28.82 18.78
CA THR A 74 -43.03 28.45 17.50
C THR A 74 -42.45 27.17 16.89
N GLN A 75 -41.12 27.02 16.98
CA GLN A 75 -40.46 25.85 16.42
C GLN A 75 -40.90 24.55 17.12
N LYS A 76 -40.98 24.58 18.44
CA LYS A 76 -41.39 23.44 19.26
C LYS A 76 -42.78 23.00 18.81
N PHE A 77 -43.68 23.98 18.76
CA PHE A 77 -45.06 23.76 18.41
C PHE A 77 -45.15 23.14 17.02
N TYR A 78 -44.46 23.73 16.06
CA TYR A 78 -44.48 23.24 14.69
C TYR A 78 -43.72 21.94 14.45
N ARG A 79 -42.66 21.72 15.24
CA ARG A 79 -42.01 20.41 15.29
CA ARG A 79 -42.03 20.42 15.23
C ARG A 79 -43.00 19.36 15.78
N ASP A 80 -43.79 19.73 16.78
CA ASP A 80 -44.72 18.79 17.40
C ASP A 80 -45.94 18.58 16.51
N LEU A 81 -46.32 19.63 15.80
CA LEU A 81 -47.47 19.58 14.91
C LEU A 81 -47.14 18.89 13.60
N ALA A 82 -45.87 18.79 13.27
CA ALA A 82 -45.49 18.00 12.11
C ALA A 82 -45.49 16.52 12.48
N ALA A 83 -45.01 16.22 13.68
CA ALA A 83 -44.93 14.84 14.13
C ALA A 83 -46.33 14.21 14.22
N LYS A 84 -47.27 14.94 14.85
CA LYS A 84 -48.66 14.47 14.97
C LYS A 84 -49.35 14.34 13.61
N GLU A 85 -49.09 15.29 12.71
CA GLU A 85 -49.54 15.19 11.34
C GLU A 85 -49.23 13.86 10.64
N ILE A 86 -47.97 13.43 10.70
CA ILE A 86 -47.59 12.10 10.19
C ILE A 86 -48.31 10.93 10.88
N GLU A 87 -48.37 10.92 12.21
CA GLU A 87 -49.10 9.87 12.93
C GLU A 87 -50.59 9.80 12.56
N ASN A 88 -51.23 10.96 12.48
CA ASN A 88 -52.68 11.02 12.31
C ASN A 88 -53.10 11.09 10.84
N GLY A 89 -52.40 11.92 10.06
CA GLY A 89 -52.55 11.90 8.61
C GLY A 89 -52.47 10.51 8.03
N GLY A 90 -52.70 10.40 6.73
CA GLY A 90 -52.50 9.15 6.04
C GLY A 90 -51.60 9.39 4.87
N TYR A 91 -50.38 9.82 5.16
CA TYR A 91 -49.41 10.18 4.13
C TYR A 91 -48.61 8.96 3.67
N LYS A 92 -48.34 8.88 2.37
CA LYS A 92 -47.25 8.03 1.89
C LYS A 92 -45.96 8.84 1.77
N ILE A 93 -44.93 8.38 2.46
CA ILE A 93 -43.63 9.01 2.38
C ILE A 93 -42.71 8.13 1.57
N THR A 94 -42.42 8.57 0.34
CA THR A 94 -41.44 7.92 -0.52
C THR A 94 -40.01 8.37 -0.24
N THR A 95 -39.18 7.44 0.22
CA THR A 95 -37.74 7.68 0.39
C THR A 95 -36.92 7.34 -0.86
N THR A 96 -35.64 7.69 -0.83
CA THR A 96 -34.72 7.43 -1.93
C THR A 96 -34.00 6.10 -1.72
N ILE A 97 -34.28 5.48 -0.58
CA ILE A 97 -33.57 4.31 -0.13
C ILE A 97 -33.84 3.08 -1.00
N ASP A 98 -32.76 2.39 -1.36
CA ASP A 98 -32.82 1.18 -2.13
C ASP A 98 -32.73 0.02 -1.13
N GLN A 99 -33.78 -0.80 -1.09
CA GLN A 99 -33.89 -1.83 -0.07
C GLN A 99 -32.74 -2.85 -0.11
N LYS A 100 -32.42 -3.32 -1.32
CA LYS A 100 -31.40 -4.35 -1.46
C LYS A 100 -30.06 -3.80 -1.05
N ILE A 101 -29.76 -2.58 -1.50
CA ILE A 101 -28.48 -1.93 -1.24
C ILE A 101 -28.33 -1.58 0.25
N HIS A 102 -29.30 -0.86 0.78
CA HIS A 102 -29.25 -0.45 2.19
C HIS A 102 -29.08 -1.65 3.12
N SER A 103 -29.87 -2.67 2.84
CA SER A 103 -29.84 -3.90 3.59
C SER A 103 -28.47 -4.60 3.50
N ALA A 104 -27.91 -4.64 2.30
CA ALA A 104 -26.57 -5.17 2.10
C ALA A 104 -25.55 -4.33 2.86
N MET A 105 -25.81 -3.04 2.98
CA MET A 105 -24.93 -2.20 3.82
C MET A 105 -25.06 -2.51 5.30
N GLN A 106 -26.27 -2.78 5.78
CA GLN A 106 -26.44 -3.23 7.17
C GLN A 106 -25.71 -4.55 7.46
N SER A 107 -25.85 -5.53 6.57
CA SER A 107 -25.10 -6.78 6.70
C SER A 107 -23.61 -6.54 6.68
N ALA A 108 -23.17 -5.62 5.82
CA ALA A 108 -21.74 -5.32 5.71
C ALA A 108 -21.17 -4.89 7.05
N VAL A 109 -21.84 -3.93 7.70
CA VAL A 109 -21.29 -3.35 8.93
C VAL A 109 -21.45 -4.34 10.08
N ALA A 110 -22.50 -5.14 10.01
CA ALA A 110 -22.65 -6.27 10.91
C ALA A 110 -21.52 -7.28 10.74
N ASP A 111 -21.21 -7.65 9.50
CA ASP A 111 -20.27 -8.76 9.24
C ASP A 111 -18.81 -8.33 9.40
N TYR A 112 -18.55 -7.05 9.14
CA TYR A 112 -17.19 -6.60 8.83
C TYR A 112 -16.78 -5.39 9.68
N GLY A 113 -17.71 -4.89 10.48
CA GLY A 113 -17.47 -3.75 11.35
C GLY A 113 -16.32 -4.00 12.32
N TYR A 114 -16.10 -5.27 12.65
CA TYR A 114 -15.07 -5.62 13.60
C TYR A 114 -13.69 -5.29 13.06
N LEU A 115 -13.58 -5.13 11.75
CA LEU A 115 -12.30 -4.75 11.14
C LEU A 115 -11.83 -3.38 11.61
N LEU A 116 -12.71 -2.64 12.27
CA LEU A 116 -12.43 -1.26 12.63
C LEU A 116 -11.83 -1.16 14.01
N ASP A 117 -12.09 -2.16 14.83
CA ASP A 117 -11.61 -2.15 16.20
C ASP A 117 -10.13 -2.40 16.18
N ASP A 118 -9.39 -1.54 16.87
CA ASP A 118 -7.93 -1.47 16.73
C ASP A 118 -7.30 -1.35 18.10
N GLY A 119 -8.02 -1.77 19.14
CA GLY A 119 -7.52 -1.69 20.50
C GLY A 119 -7.65 -0.33 21.16
N THR A 120 -8.44 0.55 20.55
CA THR A 120 -8.81 1.81 21.21
C THR A 120 -10.27 1.80 21.66
N GLY A 121 -10.80 0.60 21.88
CA GLY A 121 -12.22 0.45 22.14
C GLY A 121 -13.02 0.22 20.87
N ARG A 122 -14.33 0.31 21.01
CA ARG A 122 -15.25 0.04 19.93
C ARG A 122 -15.28 1.30 19.08
N VAL A 123 -14.94 1.13 17.81
CA VAL A 123 -14.81 2.26 16.87
C VAL A 123 -16.14 2.42 16.13
N GLU A 124 -16.73 3.61 16.20
CA GLU A 124 -17.98 3.83 15.51
C GLU A 124 -17.73 4.25 14.08
N VAL A 125 -18.79 4.42 13.30
CA VAL A 125 -18.68 4.40 11.84
C VAL A 125 -19.93 5.03 11.21
N GLY A 126 -19.71 5.81 10.15
CA GLY A 126 -20.80 6.40 9.40
C GLY A 126 -20.52 6.34 7.91
N ASN A 127 -21.47 5.83 7.12
CA ASN A 127 -21.35 5.82 5.67
C ASN A 127 -22.62 6.32 4.99
N VAL A 128 -22.45 6.97 3.84
CA VAL A 128 -23.58 7.44 3.05
C VAL A 128 -23.31 7.20 1.58
N LEU A 129 -24.16 6.41 0.94
CA LEU A 129 -24.04 6.16 -0.49
C LEU A 129 -25.01 7.06 -1.25
N MET A 130 -24.46 7.87 -2.16
CA MET A 130 -25.22 8.94 -2.83
C MET A 130 -25.16 8.79 -4.36
N ASP A 131 -26.28 9.02 -5.02
CA ASP A 131 -26.33 8.96 -6.46
C ASP A 131 -25.78 10.27 -7.03
N ASN A 132 -24.72 10.20 -7.82
CA ASN A 132 -23.99 11.41 -8.19
C ASN A 132 -24.81 12.38 -9.01
N GLN A 133 -25.87 11.88 -9.62
CA GLN A 133 -26.57 12.64 -10.62
C GLN A 133 -27.85 13.25 -10.09
N THR A 134 -28.28 12.80 -8.91
CA THR A 134 -29.56 13.24 -8.36
C THR A 134 -29.43 13.81 -6.95
N GLY A 135 -28.37 13.41 -6.26
CA GLY A 135 -28.24 13.69 -4.84
C GLY A 135 -28.98 12.71 -3.93
N ALA A 136 -29.74 11.80 -4.53
CA ALA A 136 -30.50 10.81 -3.78
C ALA A 136 -29.56 9.96 -2.95
N ILE A 137 -30.01 9.56 -1.77
CA ILE A 137 -29.19 8.72 -0.90
C ILE A 137 -29.70 7.29 -0.92
N LEU A 138 -28.90 6.37 -1.43
CA LEU A 138 -29.43 5.04 -1.77
C LEU A 138 -29.45 4.13 -0.55
N GLY A 139 -28.57 4.39 0.40
CA GLY A 139 -28.39 3.56 1.57
C GLY A 139 -27.31 4.17 2.43
N PHE A 140 -27.22 3.74 3.68
CA PHE A 140 -26.28 4.35 4.63
C PHE A 140 -25.98 3.44 5.80
N VAL A 141 -24.83 3.65 6.43
CA VAL A 141 -24.54 3.00 7.70
C VAL A 141 -24.61 4.07 8.78
N GLY A 142 -25.39 3.79 9.83
CA GLY A 142 -25.56 4.74 10.94
C GLY A 142 -24.60 4.50 12.10
N GLY A 143 -23.98 3.33 12.15
CA GLY A 143 -23.15 2.95 13.28
C GLY A 143 -23.02 1.44 13.40
N ARG A 144 -22.19 0.97 14.33
CA ARG A 144 -21.88 -0.45 14.44
C ARG A 144 -23.12 -1.27 14.76
N ASN A 145 -23.98 -0.73 15.60
CA ASN A 145 -25.12 -1.51 16.04
C ASN A 145 -26.09 -0.62 16.80
N TYR A 146 -27.08 -0.10 16.07
CA TYR A 146 -28.18 0.66 16.68
C TYR A 146 -28.67 0.15 18.03
N GLN A 147 -28.73 -1.18 18.19
CA GLN A 147 -29.18 -1.80 19.44
C GLN A 147 -28.25 -1.56 20.63
N GLU A 148 -26.97 -1.32 20.37
CA GLU A 148 -26.00 -0.99 21.42
C GLU A 148 -25.84 0.52 21.60
N ASN A 149 -26.07 1.26 20.51
CA ASN A 149 -25.72 2.67 20.43
C ASN A 149 -26.58 3.31 19.35
N GLN A 150 -27.31 4.37 19.72
CA GLN A 150 -28.35 4.90 18.85
C GLN A 150 -27.91 6.18 18.10
N ASN A 151 -26.74 6.72 18.45
CA ASN A 151 -26.22 7.85 17.70
C ASN A 151 -26.12 7.53 16.23
N ASN A 152 -26.70 8.40 15.41
CA ASN A 152 -26.62 8.29 13.96
C ASN A 152 -25.39 8.99 13.36
N HIS A 153 -24.36 8.20 13.02
CA HIS A 153 -23.08 8.77 12.61
C HIS A 153 -23.05 9.11 11.11
N ALA A 154 -24.16 8.86 10.44
CA ALA A 154 -24.26 9.21 9.04
C ALA A 154 -24.95 10.55 8.88
N PHE A 155 -25.99 10.81 9.69
CA PHE A 155 -26.77 12.04 9.56
C PHE A 155 -26.60 13.11 10.63
N ASP A 156 -26.15 12.74 11.83
CA ASP A 156 -26.24 13.64 12.99
C ASP A 156 -24.90 14.13 13.54
N THR A 157 -24.05 13.18 13.94
CA THR A 157 -22.63 13.40 14.17
C THR A 157 -21.95 14.43 13.26
N LYS A 158 -21.38 15.49 13.85
CA LYS A 158 -20.52 16.43 13.12
CA LYS A 158 -20.52 16.43 13.11
C LYS A 158 -19.06 16.34 13.57
N ARG A 159 -18.15 16.10 12.61
CA ARG A 159 -16.72 15.97 12.94
C ARG A 159 -15.92 16.74 11.90
N SER A 160 -14.70 17.15 12.25
CA SER A 160 -13.82 17.79 11.27
C SER A 160 -13.52 16.85 10.09
N PRO A 161 -13.69 17.35 8.88
CA PRO A 161 -13.39 16.55 7.70
C PRO A 161 -11.89 16.45 7.43
N ALA A 162 -11.09 17.12 8.25
CA ALA A 162 -9.63 17.05 8.15
C ALA A 162 -9.16 17.29 6.71
N SER A 163 -8.25 16.44 6.22
CA SER A 163 -7.63 16.72 4.92
C SER A 163 -8.55 16.53 3.72
N THR A 164 -9.72 15.94 3.92
CA THR A 164 -10.69 15.81 2.82
C THR A 164 -11.26 17.18 2.47
N THR A 165 -11.00 18.17 3.31
CA THR A 165 -11.33 19.56 3.02
C THR A 165 -10.56 20.08 1.79
N LYS A 166 -9.33 19.60 1.62
CA LYS A 166 -8.37 20.28 0.75
C LYS A 166 -8.85 20.35 -0.72
N PRO A 167 -9.28 19.22 -1.29
CA PRO A 167 -9.71 19.24 -2.68
C PRO A 167 -10.86 20.24 -2.91
N LEU A 168 -11.73 20.44 -1.93
CA LEU A 168 -12.88 21.35 -2.10
C LEU A 168 -12.58 22.83 -1.83
N LEU A 169 -11.92 23.10 -0.71
CA LEU A 169 -11.86 24.45 -0.22
C LEU A 169 -10.61 25.14 -0.74
N ALA A 170 -9.54 24.37 -0.91
CA ALA A 170 -8.27 24.92 -1.37
C ALA A 170 -8.07 24.71 -2.88
N TYR A 171 -7.67 23.49 -3.23
CA TYR A 171 -7.07 23.21 -4.52
C TYR A 171 -8.13 23.38 -5.61
N GLY A 172 -9.35 22.92 -5.34
CA GLY A 172 -10.39 22.94 -6.36
C GLY A 172 -10.77 24.36 -6.71
N ILE A 173 -10.82 25.20 -5.67
CA ILE A 173 -11.17 26.61 -5.86
C ILE A 173 -10.04 27.36 -6.59
N ALA A 174 -8.79 27.00 -6.27
CA ALA A 174 -7.62 27.67 -6.87
C ALA A 174 -7.57 27.38 -8.37
N ILE A 175 -7.84 26.13 -8.73
CA ILE A 175 -7.91 25.74 -10.13
C ILE A 175 -9.07 26.44 -10.82
N ASP A 176 -10.25 26.38 -10.19
CA ASP A 176 -11.44 26.98 -10.78
C ASP A 176 -11.22 28.47 -11.05
N GLN A 177 -10.28 29.07 -10.29
CA GLN A 177 -10.05 30.51 -10.35
C GLN A 177 -8.94 30.86 -11.32
N GLY A 178 -8.19 29.85 -11.76
CA GLY A 178 -7.18 30.08 -12.78
C GLY A 178 -5.85 30.40 -12.15
N LEU A 179 -5.66 29.96 -10.91
CA LEU A 179 -4.51 30.40 -10.12
C LEU A 179 -3.57 29.23 -9.95
N MET A 180 -3.86 28.15 -10.66
CA MET A 180 -3.20 26.88 -10.41
C MET A 180 -3.67 25.86 -11.45
N GLY A 181 -2.77 24.98 -11.87
CA GLY A 181 -3.17 23.88 -12.76
C GLY A 181 -2.65 22.52 -12.32
N SER A 182 -3.04 21.48 -13.05
CA SER A 182 -2.77 20.10 -12.61
C SER A 182 -1.34 19.85 -12.13
N GLU A 183 -0.35 20.49 -12.77
CA GLU A 183 1.05 20.18 -12.43
C GLU A 183 1.81 21.40 -11.93
N THR A 184 1.06 22.39 -11.48
CA THR A 184 1.62 23.49 -10.72
C THR A 184 2.41 23.02 -9.51
N ILE A 185 3.28 23.89 -9.03
CA ILE A 185 4.24 23.54 -7.99
C ILE A 185 3.95 24.34 -6.71
N LEU A 186 3.80 23.63 -5.59
CA LEU A 186 3.59 24.26 -4.29
C LEU A 186 4.73 24.01 -3.34
N SER A 187 4.97 24.97 -2.46
CA SER A 187 5.99 24.84 -1.44
C SER A 187 5.47 24.00 -0.28
N ASN A 188 6.22 22.97 0.06
CA ASN A 188 6.01 22.27 1.32
C ASN A 188 7.23 22.50 2.21
N TYR A 189 7.94 23.60 1.93
CA TYR A 189 9.07 24.02 2.77
C TYR A 189 8.56 24.38 4.14
N PRO A 190 9.40 24.19 5.15
CA PRO A 190 8.99 24.44 6.51
C PRO A 190 8.51 25.87 6.66
N THR A 191 7.37 26.06 7.33
CA THR A 191 6.91 27.42 7.64
C THR A 191 5.98 27.43 8.86
N ASN A 192 5.80 28.60 9.46
CA ASN A 192 5.05 28.71 10.70
C ASN A 192 3.74 29.42 10.53
N PHE A 193 2.84 29.20 11.48
CA PHE A 193 1.64 29.97 11.62
C PHE A 193 2.00 31.30 12.24
N ALA A 194 1.02 32.20 12.28
CA ALA A 194 1.23 33.56 12.78
C ALA A 194 1.76 33.60 14.22
N ASN A 195 1.36 32.61 15.01
CA ASN A 195 1.77 32.54 16.41
C ASN A 195 3.24 32.11 16.58
N GLY A 196 3.81 31.53 15.52
CA GLY A 196 5.19 31.07 15.57
C GLY A 196 5.37 29.56 15.52
N ASN A 197 4.33 28.79 15.90
CA ASN A 197 4.36 27.34 15.80
C ASN A 197 4.52 26.84 14.38
N PRO A 198 5.27 25.76 14.22
CA PRO A 198 5.51 25.18 12.92
C PRO A 198 4.23 24.51 12.42
N ILE A 199 3.86 24.78 11.17
CA ILE A 199 2.88 23.95 10.50
C ILE A 199 3.44 22.53 10.31
N MET A 200 2.80 21.55 10.94
CA MET A 200 3.27 20.17 10.94
C MET A 200 2.51 19.31 9.96
N TYR A 201 3.08 18.18 9.61
CA TYR A 201 2.33 17.06 9.06
C TYR A 201 2.92 15.75 9.55
N ALA A 202 2.09 14.85 10.06
CA ALA A 202 2.60 13.74 10.83
C ALA A 202 3.63 14.32 11.80
N ASN A 203 4.86 13.82 11.78
CA ASN A 203 5.92 14.48 12.56
C ASN A 203 6.90 15.30 11.74
N SER A 204 6.58 15.57 10.49
CA SER A 204 7.45 16.40 9.63
C SER A 204 7.14 17.90 9.64
N LYS A 205 8.20 18.69 9.71
CA LYS A 205 8.10 20.13 9.56
C LYS A 205 8.08 20.56 8.09
N GLY A 206 8.09 19.60 7.17
CA GLY A 206 8.07 19.94 5.76
C GLY A 206 9.30 19.48 4.99
N THR A 207 9.31 19.72 3.68
CA THR A 207 10.39 19.28 2.81
C THR A 207 10.77 20.43 1.86
N GLY A 208 10.31 20.37 0.62
CA GLY A 208 10.60 21.46 -0.32
C GLY A 208 9.48 21.62 -1.32
N MET A 209 9.83 22.09 -2.52
CA MET A 209 8.84 22.24 -3.60
C MET A 209 8.29 20.89 -4.01
N MET A 210 7.19 20.89 -4.75
CA MET A 210 6.33 19.72 -4.82
C MET A 210 5.16 20.03 -5.78
N THR A 211 4.76 19.07 -6.59
CA THR A 211 3.60 19.28 -7.48
C THR A 211 2.27 19.09 -6.71
N LEU A 212 1.19 19.61 -7.27
CA LEU A 212 -0.12 19.46 -6.66
C LEU A 212 -0.44 17.98 -6.47
N GLY A 213 -0.11 17.18 -7.48
CA GLY A 213 -0.30 15.74 -7.41
C GLY A 213 0.33 15.14 -6.19
N GLU A 214 1.57 15.52 -5.91
CA GLU A 214 2.29 14.95 -4.77
C GLU A 214 1.70 15.49 -3.46
N ALA A 215 1.25 16.74 -3.49
CA ALA A 215 0.71 17.37 -2.29
C ALA A 215 -0.56 16.61 -1.92
N LEU A 216 -1.35 16.30 -2.94
CA LEU A 216 -2.57 15.55 -2.74
C LEU A 216 -2.32 14.10 -2.29
N ASN A 217 -1.45 13.35 -2.98
CA ASN A 217 -1.25 11.94 -2.63
C ASN A 217 -0.77 11.74 -1.21
N TYR A 218 0.12 12.62 -0.76
CA TYR A 218 0.75 12.50 0.54
C TYR A 218 -0.07 13.26 1.57
N SER A 219 -0.92 14.17 1.09
CA SER A 219 -1.76 14.97 1.97
C SER A 219 -1.00 15.98 2.83
N TRP A 220 0.05 16.59 2.27
CA TRP A 220 0.80 17.59 3.03
C TRP A 220 -0.10 18.74 3.46
N ASN A 221 0.34 19.50 4.46
CA ASN A 221 -0.45 20.66 4.94
C ASN A 221 0.02 21.99 4.42
N ILE A 222 1.33 22.17 4.34
CA ILE A 222 1.85 23.49 4.00
C ILE A 222 1.30 23.94 2.66
N PRO A 223 1.32 23.05 1.66
CA PRO A 223 0.81 23.41 0.34
C PRO A 223 -0.63 23.90 0.35
N ALA A 224 -1.44 23.32 1.24
CA ALA A 224 -2.83 23.69 1.42
C ALA A 224 -2.94 25.07 2.11
N TYR A 225 -2.11 25.29 3.12
CA TYR A 225 -2.02 26.57 3.80
C TYR A 225 -1.72 27.71 2.82
N TRP A 226 -0.72 27.53 1.96
CA TRP A 226 -0.44 28.59 0.96
C TRP A 226 -1.55 28.78 -0.05
N THR A 227 -2.19 27.70 -0.45
CA THR A 227 -3.30 27.79 -1.36
C THR A 227 -4.43 28.66 -0.79
N TYR A 228 -4.86 28.35 0.43
CA TYR A 228 -5.96 29.11 1.02
C TYR A 228 -5.56 30.57 1.19
N ARG A 229 -4.30 30.78 1.55
CA ARG A 229 -3.82 32.12 1.80
C ARG A 229 -3.78 32.90 0.50
N MET A 230 -3.43 32.23 -0.60
CA MET A 230 -3.53 32.86 -1.91
C MET A 230 -4.96 33.24 -2.29
N LEU A 231 -5.91 32.37 -1.99
CA LEU A 231 -7.31 32.71 -2.27
C LEU A 231 -7.74 33.97 -1.52
N ARG A 232 -7.28 34.12 -0.27
CA ARG A 232 -7.64 35.31 0.50
C ARG A 232 -6.99 36.56 -0.09
N GLU A 233 -5.72 36.47 -0.47
CA GLU A 233 -5.04 37.56 -1.15
C GLU A 233 -5.74 38.00 -2.42
N ASN A 234 -6.22 37.04 -3.22
CA ASN A 234 -6.94 37.39 -4.44
C ASN A 234 -8.42 37.70 -4.22
N GLY A 235 -8.86 37.66 -2.96
CA GLY A 235 -10.20 38.11 -2.63
C GLY A 235 -11.28 37.11 -3.04
N VAL A 236 -10.91 35.86 -3.21
CA VAL A 236 -11.80 34.88 -3.81
C VAL A 236 -12.96 34.53 -2.87
N ASP A 237 -14.19 34.58 -3.36
CA ASP A 237 -15.32 34.28 -2.50
C ASP A 237 -15.48 32.77 -2.17
N VAL A 238 -14.65 32.29 -1.24
CA VAL A 238 -14.59 30.86 -0.85
C VAL A 238 -15.88 30.38 -0.16
N LYS A 239 -16.37 31.18 0.76
CA LYS A 239 -17.70 31.00 1.31
C LYS A 239 -18.77 30.77 0.23
N GLY A 240 -18.73 31.57 -0.83
CA GLY A 240 -19.66 31.37 -1.96
C GLY A 240 -19.66 29.94 -2.46
N TYR A 241 -18.48 29.38 -2.71
CA TYR A 241 -18.36 28.00 -3.17
C TYR A 241 -18.94 27.04 -2.12
N MET A 242 -18.47 27.15 -0.88
CA MET A 242 -18.81 26.14 0.11
C MET A 242 -20.31 26.18 0.41
N GLU A 243 -20.90 27.35 0.28
CA GLU A 243 -22.30 27.50 0.62
C GLU A 243 -23.20 26.87 -0.44
N LYS A 244 -22.84 27.06 -1.69
CA LYS A 244 -23.50 26.36 -2.77
C LYS A 244 -23.54 24.85 -2.55
N MET A 245 -22.68 24.31 -1.70
CA MET A 245 -22.73 22.86 -1.44
C MET A 245 -23.43 22.49 -0.16
N GLY A 246 -23.97 23.49 0.54
CA GLY A 246 -24.67 23.27 1.79
C GLY A 246 -23.79 23.28 3.03
N TYR A 247 -22.52 23.64 2.87
CA TYR A 247 -21.60 23.74 4.01
C TYR A 247 -21.84 24.95 4.90
N GLU A 248 -22.04 24.69 6.18
CA GLU A 248 -22.17 25.77 7.16
C GLU A 248 -20.87 25.88 7.91
N ILE A 249 -20.12 26.93 7.63
CA ILE A 249 -18.83 27.15 8.24
C ILE A 249 -18.82 28.53 8.86
N PRO A 250 -18.65 28.60 10.18
CA PRO A 250 -18.97 29.85 10.90
C PRO A 250 -17.87 30.89 10.78
N GLU A 251 -16.61 30.48 10.63
CA GLU A 251 -15.50 31.47 10.54
C GLU A 251 -14.46 31.09 9.49
N TYR A 252 -14.36 31.89 8.43
CA TYR A 252 -13.41 31.61 7.33
C TYR A 252 -12.00 32.13 7.56
N GLY A 253 -11.84 33.03 8.52
CA GLY A 253 -10.53 33.61 8.85
C GLY A 253 -9.68 32.73 9.74
N ILE A 254 -9.39 31.51 9.29
CA ILE A 254 -8.61 30.58 10.08
C ILE A 254 -7.50 29.93 9.23
N GLU A 255 -6.26 30.03 9.67
CA GLU A 255 -5.16 29.64 8.82
C GLU A 255 -5.19 28.15 8.47
N SER A 256 -5.75 27.34 9.37
CA SER A 256 -5.80 25.88 9.16
C SER A 256 -7.11 25.47 8.54
N LEU A 257 -7.99 26.43 8.27
CA LEU A 257 -9.24 26.12 7.57
C LEU A 257 -9.09 25.00 6.54
N PRO A 258 -8.17 25.11 5.60
CA PRO A 258 -8.19 24.18 4.47
C PRO A 258 -7.73 22.78 4.87
N MET A 259 -7.26 22.64 6.11
CA MET A 259 -6.87 21.34 6.65
C MET A 259 -7.97 20.76 7.52
N GLY A 260 -9.08 21.48 7.59
CA GLY A 260 -10.28 20.98 8.23
C GLY A 260 -10.46 21.57 9.62
N GLY A 261 -9.63 22.55 9.97
CA GLY A 261 -9.72 23.19 11.29
C GLY A 261 -10.76 24.28 11.29
N GLY A 262 -11.62 24.29 12.31
CA GLY A 262 -12.81 25.15 12.34
C GLY A 262 -13.97 24.70 11.45
N ILE A 263 -13.92 23.46 10.99
CA ILE A 263 -15.02 22.87 10.22
C ILE A 263 -15.53 21.57 10.87
N GLU A 264 -16.85 21.38 10.80
CA GLU A 264 -17.53 20.20 11.38
C GLU A 264 -18.68 19.81 10.46
N VAL A 265 -18.65 18.59 9.94
CA VAL A 265 -19.69 18.15 9.01
C VAL A 265 -20.23 16.75 9.32
N THR A 266 -21.48 16.51 8.94
CA THR A 266 -22.02 15.15 8.91
C THR A 266 -21.45 14.38 7.73
N VAL A 267 -21.53 13.06 7.78
CA VAL A 267 -21.07 12.24 6.68
C VAL A 267 -21.96 12.47 5.45
N ALA A 268 -23.26 12.65 5.70
CA ALA A 268 -24.19 12.94 4.64
C ALA A 268 -23.84 14.24 3.94
N GLN A 269 -23.71 15.34 4.68
CA GLN A 269 -23.33 16.62 4.06
C GLN A 269 -22.01 16.53 3.32
N HIS A 270 -21.05 15.80 3.89
CA HIS A 270 -19.72 15.80 3.29
C HIS A 270 -19.72 15.01 1.99
N THR A 271 -20.34 13.83 2.02
CA THR A 271 -20.62 13.07 0.82
C THR A 271 -21.17 13.95 -0.30
N ASN A 272 -21.98 14.95 0.06
CA ASN A 272 -22.57 15.84 -0.95
C ASN A 272 -21.50 16.71 -1.63
N GLY A 273 -20.46 17.04 -0.89
CA GLY A 273 -19.36 17.80 -1.47
C GLY A 273 -18.67 17.00 -2.55
N TYR A 274 -18.36 15.74 -2.25
CA TYR A 274 -17.64 14.92 -3.21
C TYR A 274 -18.56 14.53 -4.37
N GLN A 275 -19.86 14.47 -4.09
CA GLN A 275 -20.85 14.34 -5.14
C GLN A 275 -20.70 15.45 -6.18
N THR A 276 -20.35 16.65 -5.70
CA THR A 276 -20.15 17.78 -6.59
C THR A 276 -18.97 17.65 -7.55
N LEU A 277 -17.79 17.36 -7.00
CA LEU A 277 -16.63 17.04 -7.80
C LEU A 277 -16.89 15.88 -8.77
N ALA A 278 -17.57 14.84 -8.31
CA ALA A 278 -17.76 13.67 -9.14
C ALA A 278 -18.69 13.98 -10.29
N ASN A 279 -19.75 14.74 -10.00
CA ASN A 279 -20.75 15.09 -11.00
C ASN A 279 -20.28 16.22 -11.89
N ASN A 280 -19.04 16.12 -12.35
CA ASN A 280 -18.40 17.18 -13.14
C ASN A 280 -18.69 18.62 -12.75
N GLY A 281 -18.69 18.90 -11.44
CA GLY A 281 -18.87 20.25 -10.90
C GLY A 281 -20.27 20.65 -10.45
N VAL A 282 -21.26 19.80 -10.71
CA VAL A 282 -22.68 20.15 -10.53
C VAL A 282 -23.26 19.52 -9.26
N TYR A 283 -23.58 20.39 -8.30
CA TYR A 283 -24.19 20.00 -7.01
C TYR A 283 -25.65 19.57 -7.14
N HIS A 284 -25.98 18.46 -6.48
CA HIS A 284 -27.38 18.12 -6.26
C HIS A 284 -27.59 17.94 -4.78
N GLN A 285 -28.55 18.69 -4.24
CA GLN A 285 -28.75 18.63 -2.81
C GLN A 285 -29.14 17.23 -2.37
N LYS A 286 -28.43 16.75 -1.34
CA LYS A 286 -28.72 15.45 -0.74
C LYS A 286 -30.17 15.38 -0.29
N HIS A 287 -30.77 14.20 -0.38
CA HIS A 287 -32.09 14.00 0.18
C HIS A 287 -32.36 12.52 0.35
N VAL A 288 -33.15 12.22 1.36
CA VAL A 288 -33.59 10.88 1.69
C VAL A 288 -35.11 10.74 1.48
N ILE A 289 -35.83 11.86 1.43
CA ILE A 289 -37.25 11.87 1.09
C ILE A 289 -37.44 12.49 -0.30
N SER A 290 -38.13 11.79 -1.19
CA SER A 290 -38.43 12.36 -2.49
C SER A 290 -39.89 12.88 -2.64
N LYS A 291 -40.82 12.32 -1.87
CA LYS A 291 -42.22 12.71 -1.96
C LYS A 291 -43.02 12.39 -0.71
N ILE A 292 -43.85 13.34 -0.27
CA ILE A 292 -44.95 13.07 0.67
C ILE A 292 -46.33 13.37 0.06
N GLU A 293 -47.23 12.42 0.14
CA GLU A 293 -48.56 12.56 -0.46
C GLU A 293 -49.62 12.36 0.60
N ALA A 294 -50.55 13.31 0.69
CA ALA A 294 -51.76 13.16 1.49
C ALA A 294 -52.51 11.89 1.10
N ALA A 295 -53.43 11.44 1.96
CA ALA A 295 -54.22 10.24 1.71
C ALA A 295 -55.08 10.32 0.45
N ASP A 296 -55.52 11.52 0.08
CA ASP A 296 -56.25 11.74 -1.16
C ASP A 296 -55.33 11.96 -2.36
N GLY A 297 -54.02 11.92 -2.14
CA GLY A 297 -53.08 11.80 -3.25
C GLY A 297 -52.39 13.10 -3.62
N ARG A 298 -52.90 14.22 -3.12
CA ARG A 298 -52.26 15.51 -3.32
CA ARG A 298 -52.25 15.50 -3.34
C ARG A 298 -50.83 15.48 -2.75
N VAL A 299 -49.85 15.80 -3.58
CA VAL A 299 -48.48 15.99 -3.12
C VAL A 299 -48.38 17.18 -2.17
N VAL A 300 -47.95 16.93 -0.94
CA VAL A 300 -47.64 18.01 -0.02
C VAL A 300 -46.18 18.47 -0.08
N TYR A 301 -45.26 17.54 -0.36
CA TYR A 301 -43.89 17.88 -0.68
C TYR A 301 -43.36 16.97 -1.79
N GLU A 302 -42.66 17.56 -2.76
CA GLU A 302 -41.88 16.74 -3.68
C GLU A 302 -40.49 17.34 -3.95
N TYR A 303 -39.48 16.49 -4.09
CA TYR A 303 -38.11 16.98 -4.26
C TYR A 303 -37.98 17.73 -5.58
N GLN A 304 -37.54 18.99 -5.53
CA GLN A 304 -37.23 19.76 -6.75
C GLN A 304 -35.73 19.72 -7.07
N ASP A 305 -35.41 19.32 -8.29
CA ASP A 305 -34.02 19.30 -8.76
C ASP A 305 -33.50 20.71 -9.07
N LYS A 306 -32.46 21.13 -8.37
CA LYS A 306 -31.80 22.40 -8.65
C LYS A 306 -30.31 22.20 -8.80
N PRO A 307 -29.89 21.53 -9.89
CA PRO A 307 -28.46 21.46 -10.21
C PRO A 307 -27.77 22.80 -10.00
N VAL A 308 -26.52 22.78 -9.54
CA VAL A 308 -25.78 24.03 -9.40
C VAL A 308 -24.32 23.81 -9.75
N GLN A 309 -23.84 24.56 -10.73
CA GLN A 309 -22.48 24.38 -11.21
C GLN A 309 -21.58 25.09 -10.22
N VAL A 310 -21.01 24.33 -9.30
CA VAL A 310 -20.22 24.92 -8.23
C VAL A 310 -18.78 25.13 -8.70
N TYR A 311 -18.20 24.10 -9.30
CA TYR A 311 -16.95 24.25 -10.00
C TYR A 311 -17.18 24.12 -11.52
N SER A 312 -16.35 24.79 -12.31
CA SER A 312 -16.33 24.53 -13.76
C SER A 312 -16.05 23.05 -14.10
N LYS A 313 -16.56 22.62 -15.25
CA LYS A 313 -16.36 21.26 -15.70
C LYS A 313 -14.87 20.94 -15.85
N ALA A 314 -14.11 21.89 -16.39
CA ALA A 314 -12.67 21.75 -16.43
C ALA A 314 -12.10 21.48 -15.04
N THR A 315 -12.50 22.30 -14.08
CA THR A 315 -12.00 22.15 -12.72
C THR A 315 -12.35 20.77 -12.15
N ALA A 316 -13.64 20.42 -12.17
CA ALA A 316 -14.07 19.14 -11.58
C ALA A 316 -13.37 17.95 -12.23
N THR A 317 -13.25 17.99 -13.55
CA THR A 317 -12.66 16.89 -14.30
C THR A 317 -11.14 16.85 -14.12
N ILE A 318 -10.51 18.02 -14.05
CA ILE A 318 -9.09 18.06 -13.63
C ILE A 318 -8.92 17.45 -12.24
N MET A 319 -9.85 17.74 -11.33
CA MET A 319 -9.74 17.25 -9.94
C MET A 319 -9.97 15.73 -9.85
N GLN A 320 -10.94 15.24 -10.62
CA GLN A 320 -11.16 13.82 -10.81
C GLN A 320 -9.86 13.08 -11.14
N GLY A 321 -9.12 13.63 -12.09
CA GLY A 321 -7.84 13.09 -12.46
C GLY A 321 -6.86 12.99 -11.30
N LEU A 322 -6.81 14.00 -10.44
CA LEU A 322 -5.86 14.01 -9.32
C LEU A 322 -6.30 13.05 -8.20
N LEU A 323 -7.60 13.01 -7.95
CA LEU A 323 -8.13 12.14 -6.93
C LEU A 323 -8.11 10.69 -7.39
N ARG A 324 -8.08 10.44 -8.70
CA ARG A 324 -7.83 9.07 -9.20
C ARG A 324 -6.51 8.54 -8.63
N GLU A 325 -5.51 9.40 -8.60
CA GLU A 325 -4.20 8.98 -8.19
C GLU A 325 -3.92 9.02 -6.69
N VAL A 326 -4.68 9.85 -5.97
CA VAL A 326 -4.73 9.73 -4.52
C VAL A 326 -4.96 8.27 -4.12
N LEU A 327 -5.86 7.60 -4.81
CA LEU A 327 -6.14 6.19 -4.50
C LEU A 327 -5.13 5.21 -5.10
N SER A 328 -4.86 5.34 -6.41
CA SER A 328 -3.79 4.59 -7.10
C SER A 328 -2.47 4.62 -6.34
N SER A 329 -2.07 5.81 -5.89
CA SER A 329 -0.76 5.97 -5.30
C SER A 329 -0.66 5.18 -4.01
N ARG A 330 -1.80 4.93 -3.38
CA ARG A 330 -1.89 4.15 -2.16
C ARG A 330 -1.08 4.71 -1.02
N VAL A 331 -0.73 5.99 -1.08
CA VAL A 331 0.14 6.56 -0.05
C VAL A 331 -0.53 6.61 1.32
N THR A 332 -1.75 7.11 1.35
CA THR A 332 -2.44 7.35 2.60
C THR A 332 -3.65 6.43 2.73
N THR A 333 -3.84 5.54 1.76
CA THR A 333 -4.91 4.56 1.88
C THR A 333 -4.60 3.30 1.10
N THR A 334 -4.79 2.15 1.73
CA THR A 334 -4.56 0.85 1.10
C THR A 334 -5.79 0.42 0.31
N PHE A 335 -6.80 1.27 0.25
CA PHE A 335 -8.10 0.87 -0.30
C PHE A 335 -8.05 0.04 -1.60
N LYS A 336 -7.39 0.54 -2.63
CA LYS A 336 -7.36 -0.14 -3.92
C LYS A 336 -6.72 -1.52 -3.83
N SER A 337 -5.71 -1.67 -3.00
CA SER A 337 -5.15 -2.98 -2.71
C SER A 337 -6.22 -3.91 -2.12
N ASN A 338 -6.94 -3.41 -1.10
CA ASN A 338 -7.96 -4.21 -0.43
C ASN A 338 -9.06 -4.65 -1.38
N LEU A 339 -9.55 -3.70 -2.19
CA LEU A 339 -10.63 -3.96 -3.13
C LEU A 339 -10.19 -4.92 -4.23
N THR A 340 -8.91 -4.86 -4.58
CA THR A 340 -8.40 -5.68 -5.67
C THR A 340 -8.44 -7.13 -5.24
N SER A 341 -8.04 -7.39 -3.99
CA SER A 341 -8.08 -8.74 -3.46
C SER A 341 -9.50 -9.29 -3.29
N LEU A 342 -10.44 -8.47 -2.83
CA LEU A 342 -11.79 -8.95 -2.63
C LEU A 342 -12.56 -9.06 -3.92
N ASN A 343 -12.28 -8.19 -4.89
CA ASN A 343 -13.07 -8.17 -6.12
C ASN A 343 -12.37 -7.42 -7.25
N PRO A 344 -11.58 -8.15 -8.03
CA PRO A 344 -10.66 -7.52 -8.97
C PRO A 344 -11.38 -6.77 -10.11
N THR A 345 -12.56 -7.23 -10.51
CA THR A 345 -13.36 -6.51 -11.52
C THR A 345 -13.80 -5.15 -11.04
N LEU A 346 -14.59 -5.16 -9.97
CA LEU A 346 -14.96 -3.94 -9.25
C LEU A 346 -13.78 -3.00 -9.04
N ALA A 347 -12.61 -3.55 -8.73
CA ALA A 347 -11.43 -2.69 -8.50
C ALA A 347 -11.05 -1.88 -9.75
N ASN A 348 -11.54 -2.31 -10.92
CA ASN A 348 -11.24 -1.64 -12.19
C ASN A 348 -12.20 -0.53 -12.56
N ALA A 349 -13.26 -0.35 -11.79
CA ALA A 349 -14.06 0.85 -11.90
C ALA A 349 -13.17 2.07 -11.76
N ASP A 350 -13.59 3.18 -12.31
CA ASP A 350 -12.73 4.34 -12.29
C ASP A 350 -12.91 5.03 -10.94
N TRP A 351 -12.31 4.45 -9.89
CA TRP A 351 -12.36 5.02 -8.53
C TRP A 351 -11.56 6.30 -8.37
N ILE A 352 -12.14 7.30 -7.70
CA ILE A 352 -11.35 8.41 -7.18
C ILE A 352 -11.71 8.68 -5.72
N GLY A 353 -10.88 9.46 -5.03
CA GLY A 353 -11.13 9.67 -3.61
C GLY A 353 -10.06 10.45 -2.85
N LYS A 354 -10.29 10.59 -1.55
CA LYS A 354 -9.44 11.38 -0.70
C LYS A 354 -9.60 10.86 0.73
N THR A 355 -8.48 10.72 1.42
CA THR A 355 -8.48 10.41 2.85
C THR A 355 -8.52 11.66 3.71
N GLY A 356 -8.96 11.49 4.95
CA GLY A 356 -8.73 12.48 6.00
C GLY A 356 -8.31 11.84 7.31
N THR A 357 -7.43 12.53 8.04
CA THR A 357 -6.95 12.10 9.35
C THR A 357 -6.80 13.35 10.19
N THR A 358 -7.48 13.41 11.33
CA THR A 358 -7.34 14.56 12.22
C THR A 358 -6.05 14.48 13.02
N GLY A 359 -5.61 15.63 13.51
CA GLY A 359 -4.24 15.82 14.00
C GLY A 359 -3.83 14.88 15.12
N GLN A 360 -4.80 14.39 15.90
CA GLN A 360 -4.52 13.37 16.92
C GLN A 360 -5.19 12.02 16.65
N ASP A 361 -5.58 11.79 15.40
CA ASP A 361 -6.11 10.50 15.01
C ASP A 361 -7.47 10.30 15.68
N GLU A 362 -8.20 11.39 15.86
CA GLU A 362 -9.54 11.34 16.42
C GLU A 362 -10.59 10.89 15.40
N ASN A 363 -10.37 11.24 14.15
CA ASN A 363 -11.35 11.00 13.09
C ASN A 363 -10.65 10.58 11.82
N MET A 364 -11.11 9.48 11.22
CA MET A 364 -10.65 9.12 9.88
C MET A 364 -11.76 9.26 8.85
N TRP A 365 -11.43 9.86 7.71
CA TRP A 365 -12.36 9.88 6.58
C TRP A 365 -11.82 9.13 5.39
N LEU A 366 -12.67 8.41 4.68
CA LEU A 366 -12.36 8.03 3.31
C LEU A 366 -13.55 8.30 2.37
N MET A 367 -13.32 9.17 1.39
CA MET A 367 -14.37 9.54 0.45
C MET A 367 -14.08 8.93 -0.91
N LEU A 368 -15.06 8.24 -1.49
CA LEU A 368 -14.87 7.46 -2.71
C LEU A 368 -15.96 7.75 -3.75
N SER A 369 -15.57 7.83 -5.02
CA SER A 369 -16.54 8.02 -6.11
C SER A 369 -16.22 7.20 -7.34
N THR A 370 -17.26 6.69 -7.99
CA THR A 370 -17.21 6.42 -9.42
C THR A 370 -18.09 7.46 -10.12
N PRO A 371 -18.11 7.48 -11.44
CA PRO A 371 -18.91 8.46 -12.12
C PRO A 371 -20.35 8.44 -11.64
N ARG A 372 -20.86 7.27 -11.29
CA ARG A 372 -22.25 7.14 -10.89
C ARG A 372 -22.49 7.41 -9.43
N LEU A 373 -21.67 6.82 -8.54
CA LEU A 373 -21.91 6.92 -7.08
C LEU A 373 -20.82 7.66 -6.30
N THR A 374 -21.19 8.24 -5.17
CA THR A 374 -20.23 8.59 -4.10
C THR A 374 -20.53 7.86 -2.79
N LEU A 375 -19.48 7.34 -2.15
CA LEU A 375 -19.59 6.72 -0.83
C LEU A 375 -18.66 7.41 0.16
N GLY A 376 -19.23 8.11 1.12
CA GLY A 376 -18.44 8.79 2.13
C GLY A 376 -18.35 7.90 3.34
N GLY A 377 -17.25 7.95 4.07
CA GLY A 377 -17.05 7.09 5.26
C GLY A 377 -16.23 7.80 6.34
N TRP A 378 -16.76 7.82 7.55
CA TRP A 378 -16.07 8.37 8.72
C TRP A 378 -15.94 7.28 9.77
N ILE A 379 -14.83 7.26 10.51
CA ILE A 379 -14.76 6.48 11.74
C ILE A 379 -14.09 7.27 12.82
N GLY A 380 -14.37 6.89 14.06
CA GLY A 380 -13.81 7.54 15.24
C GLY A 380 -14.57 7.10 16.47
N HIS A 381 -14.34 7.80 17.58
CA HIS A 381 -15.02 7.52 18.82
C HIS A 381 -16.04 8.58 19.16
N ASP A 382 -17.11 8.17 19.83
CA ASP A 382 -18.16 9.09 20.24
C ASP A 382 -17.63 10.18 21.16
N ASP A 383 -16.71 9.82 22.05
CA ASP A 383 -16.17 10.76 23.04
C ASP A 383 -14.87 11.40 22.55
N ASN A 384 -14.51 11.10 21.31
CA ASN A 384 -13.47 11.84 20.64
C ASN A 384 -12.03 11.51 20.98
N HIS A 385 -11.77 10.41 21.68
CA HIS A 385 -10.38 9.97 21.86
C HIS A 385 -9.70 9.43 20.59
N SER A 386 -8.39 9.27 20.64
CA SER A 386 -7.59 8.87 19.46
C SER A 386 -7.77 7.43 19.02
N LEU A 387 -7.78 7.20 17.71
CA LEU A 387 -7.67 5.86 17.15
C LEU A 387 -6.21 5.49 17.00
N SER A 388 -5.94 4.25 16.61
CA SER A 388 -4.59 3.83 16.27
C SER A 388 -4.14 4.57 15.02
N GLN A 389 -2.82 4.65 14.82
CA GLN A 389 -2.24 5.43 13.73
C GLN A 389 -2.71 5.00 12.35
N GLN A 390 -2.93 3.70 12.20
CA GLN A 390 -3.23 3.08 10.92
C GLN A 390 -4.73 2.89 10.72
N ALA A 391 -5.52 3.49 11.59
CA ALA A 391 -6.97 3.25 11.57
C ALA A 391 -7.59 3.71 10.25
N GLY A 392 -7.17 4.87 9.76
CA GLY A 392 -7.59 5.35 8.43
C GLY A 392 -6.90 4.69 7.24
N TYR A 393 -5.56 4.71 7.25
CA TYR A 393 -4.72 4.00 6.27
C TYR A 393 -5.23 2.59 5.93
N SER A 394 -5.28 1.72 6.94
CA SER A 394 -5.59 0.30 6.74
C SER A 394 -7.03 -0.10 7.10
N ASN A 395 -7.37 0.00 8.38
CA ASN A 395 -8.67 -0.50 8.85
C ASN A 395 -9.87 0.02 8.07
N ASN A 396 -10.05 1.33 8.06
CA ASN A 396 -11.19 1.92 7.38
C ASN A 396 -11.17 1.57 5.89
N SER A 397 -9.97 1.56 5.31
CA SER A 397 -9.84 1.25 3.90
C SER A 397 -10.32 -0.15 3.59
N ASN A 398 -9.89 -1.08 4.43
CA ASN A 398 -10.31 -2.48 4.34
C ASN A 398 -11.82 -2.58 4.52
N TYR A 399 -12.33 -2.00 5.60
CA TYR A 399 -13.78 -1.98 5.84
C TYR A 399 -14.58 -1.46 4.64
N MET A 400 -14.16 -0.33 4.09
CA MET A 400 -14.87 0.27 2.96
C MET A 400 -14.77 -0.52 1.64
N ALA A 401 -13.67 -1.25 1.50
CA ALA A 401 -13.55 -2.20 0.41
C ALA A 401 -14.58 -3.33 0.54
N HIS A 402 -14.74 -3.86 1.76
CA HIS A 402 -15.78 -4.84 2.04
C HIS A 402 -17.18 -4.22 1.81
N LEU A 403 -17.40 -3.00 2.31
CA LEU A 403 -18.68 -2.35 2.12
C LEU A 403 -18.99 -2.11 0.63
N VAL A 404 -17.97 -1.68 -0.14
CA VAL A 404 -18.15 -1.37 -1.56
C VAL A 404 -18.46 -2.65 -2.33
N ASN A 405 -17.83 -3.75 -1.91
CA ASN A 405 -18.11 -5.05 -2.50
C ASN A 405 -19.53 -5.48 -2.18
N ALA A 406 -19.97 -5.21 -0.95
CA ALA A 406 -21.27 -5.68 -0.52
C ALA A 406 -22.38 -4.96 -1.27
N ILE A 407 -22.16 -3.69 -1.56
CA ILE A 407 -23.09 -2.97 -2.43
C ILE A 407 -23.12 -3.56 -3.84
N GLN A 408 -21.94 -3.85 -4.37
CA GLN A 408 -21.82 -4.51 -5.67
C GLN A 408 -22.61 -5.80 -5.75
N GLN A 409 -22.42 -6.70 -4.79
CA GLN A 409 -23.14 -7.98 -4.80
C GLN A 409 -24.62 -7.74 -4.81
N ALA A 410 -25.07 -6.69 -4.15
CA ALA A 410 -26.49 -6.49 -3.92
C ALA A 410 -27.12 -5.85 -5.15
N SER A 411 -26.33 -5.08 -5.88
CA SER A 411 -26.83 -4.35 -7.03
C SER A 411 -25.73 -4.24 -8.10
N PRO A 412 -25.64 -5.25 -8.96
CA PRO A 412 -24.37 -5.57 -9.60
C PRO A 412 -23.85 -4.52 -10.58
N SER A 413 -24.70 -3.68 -11.14
CA SER A 413 -24.15 -2.64 -11.99
C SER A 413 -24.32 -1.23 -11.43
N ILE A 414 -24.54 -1.11 -10.13
CA ILE A 414 -24.89 0.19 -9.55
C ILE A 414 -23.70 1.15 -9.55
N TRP A 415 -22.50 0.61 -9.41
CA TRP A 415 -21.29 1.43 -9.39
C TRP A 415 -21.00 1.94 -10.79
N GLY A 416 -21.26 1.09 -11.78
CA GLY A 416 -21.03 1.46 -13.17
C GLY A 416 -19.61 1.21 -13.65
N ASN A 417 -19.41 1.34 -14.96
CA ASN A 417 -18.07 1.14 -15.54
C ASN A 417 -17.55 2.35 -16.28
N GLU A 418 -18.33 3.42 -16.29
CA GLU A 418 -17.88 4.67 -16.89
C GLU A 418 -16.53 5.13 -16.35
N ARG A 419 -15.76 5.81 -17.20
CA ARG A 419 -14.55 6.52 -16.77
C ARG A 419 -14.89 7.98 -16.56
N PHE A 420 -14.19 8.62 -15.63
CA PHE A 420 -14.11 10.07 -15.56
C PHE A 420 -13.19 10.61 -16.68
N ALA A 421 -13.57 11.71 -17.33
CA ALA A 421 -12.76 12.24 -18.44
C ALA A 421 -12.64 13.75 -18.39
N LEU A 422 -11.45 14.27 -18.72
CA LEU A 422 -11.26 15.70 -18.85
C LEU A 422 -12.33 16.31 -19.74
N ASP A 423 -12.92 17.40 -19.30
CA ASP A 423 -13.83 18.14 -20.15
C ASP A 423 -13.07 18.77 -21.30
N PRO A 424 -13.68 18.82 -22.47
CA PRO A 424 -13.04 19.46 -23.61
C PRO A 424 -12.64 20.92 -23.33
N SER A 425 -13.32 21.59 -22.38
CA SER A 425 -13.00 22.98 -22.03
C SER A 425 -11.65 23.12 -21.31
N VAL A 426 -11.14 22.01 -20.81
CA VAL A 426 -9.84 21.99 -20.14
C VAL A 426 -8.75 22.48 -21.09
N VAL A 427 -7.96 23.45 -20.65
CA VAL A 427 -6.79 23.86 -21.42
C VAL A 427 -5.55 23.10 -20.96
N LYS A 428 -4.77 22.61 -21.92
CA LYS A 428 -3.54 21.82 -21.66
C LYS A 428 -2.26 22.57 -22.01
N SER A 429 -1.32 22.63 -21.08
CA SER A 429 -0.13 23.48 -21.27
C SER A 429 1.13 22.63 -21.23
N GLU A 430 2.14 23.02 -22.01
CA GLU A 430 3.51 22.52 -21.85
C GLU A 430 4.31 23.32 -20.81
N VAL A 431 4.44 22.77 -19.62
CA VAL A 431 5.25 23.38 -18.57
C VAL A 431 6.50 22.54 -18.26
N LEU A 432 7.49 23.16 -17.61
CA LEU A 432 8.59 22.44 -16.99
C LEU A 432 8.10 21.67 -15.79
N LYS A 433 8.59 20.45 -15.60
CA LYS A 433 8.32 19.70 -14.38
C LYS A 433 8.76 20.51 -13.18
N SER A 434 9.96 21.09 -13.28
CA SER A 434 10.57 21.77 -12.15
C SER A 434 9.80 23.03 -11.69
N THR A 435 9.23 23.81 -12.61
CA THR A 435 8.51 25.03 -12.19
C THR A 435 6.98 25.01 -12.26
N GLY A 436 6.39 24.04 -12.94
CA GLY A 436 4.96 24.04 -13.14
C GLY A 436 4.55 24.95 -14.27
N GLN A 437 5.53 25.64 -14.86
CA GLN A 437 5.25 26.75 -15.76
C GLN A 437 6.05 26.63 -17.06
N LYS A 438 5.54 27.26 -18.12
CA LYS A 438 6.21 27.31 -19.42
C LYS A 438 7.67 27.73 -19.28
N PRO A 439 8.54 27.16 -20.13
CA PRO A 439 9.96 27.52 -20.11
C PRO A 439 10.15 28.94 -20.59
N GLY A 440 11.19 29.61 -20.12
CA GLY A 440 11.35 31.04 -20.35
C GLY A 440 12.63 31.61 -19.76
N LYS A 441 12.91 32.87 -20.06
CA LYS A 441 13.97 33.59 -19.37
C LYS A 441 13.54 33.95 -17.95
N VAL A 442 14.43 33.74 -16.98
CA VAL A 442 14.21 34.24 -15.61
C VAL A 442 15.51 34.77 -15.01
N SER A 443 15.41 35.85 -14.24
CA SER A 443 16.57 36.40 -13.55
C SER A 443 16.75 35.78 -12.16
N VAL A 444 17.96 35.27 -11.88
CA VAL A 444 18.26 34.68 -10.57
C VAL A 444 19.34 35.46 -9.81
N GLU A 445 18.89 36.47 -9.06
CA GLU A 445 19.78 37.51 -8.52
C GLU A 445 20.86 37.89 -9.52
N GLY A 446 20.56 38.89 -10.36
CA GLY A 446 21.49 39.38 -11.37
C GLY A 446 21.38 38.56 -12.65
N LYS A 447 22.41 37.73 -12.89
CA LYS A 447 22.36 36.67 -13.88
C LYS A 447 20.93 36.24 -14.27
N GLU A 448 20.50 36.66 -15.45
CA GLU A 448 19.34 36.06 -16.11
C GLU A 448 19.67 34.65 -16.58
N VAL A 449 18.69 33.75 -16.49
CA VAL A 449 18.80 32.38 -16.97
C VAL A 449 17.73 32.03 -18.00
N GLU A 450 18.12 31.26 -19.01
CA GLU A 450 17.15 30.61 -19.89
C GLU A 450 16.78 29.28 -19.27
N VAL A 451 15.54 29.17 -18.82
CA VAL A 451 15.12 28.02 -18.01
C VAL A 451 14.54 26.88 -18.84
N THR A 452 15.25 25.75 -18.84
CA THR A 452 15.07 24.69 -19.82
C THR A 452 15.10 23.36 -19.04
N GLY A 453 14.51 22.31 -19.62
CA GLY A 453 14.42 21.01 -18.93
C GLY A 453 13.24 20.18 -19.37
N SER A 454 13.02 19.03 -18.74
CA SER A 454 11.88 18.18 -19.13
C SER A 454 10.53 18.78 -18.74
N THR A 455 9.52 18.48 -19.55
CA THR A 455 8.23 19.13 -19.47
C THR A 455 7.10 18.13 -19.32
N VAL A 456 5.93 18.62 -18.91
CA VAL A 456 4.77 17.79 -18.68
C VAL A 456 3.56 18.54 -19.21
N THR A 457 2.51 17.81 -19.59
CA THR A 457 1.23 18.46 -19.84
C THR A 457 0.62 18.87 -18.51
N SER A 458 0.28 20.16 -18.38
CA SER A 458 -0.47 20.63 -17.21
C SER A 458 -1.87 21.07 -17.63
N TYR A 459 -2.86 20.69 -16.84
CA TYR A 459 -4.25 21.00 -17.13
C TYR A 459 -4.73 22.19 -16.31
N TRP A 460 -5.23 23.21 -17.01
CA TRP A 460 -5.79 24.39 -16.35
C TRP A 460 -7.25 24.60 -16.72
N ALA A 461 -7.94 25.37 -15.90
CA ALA A 461 -9.36 25.64 -16.12
C ALA A 461 -9.56 27.13 -16.36
N ASN A 462 -8.57 27.77 -16.99
CA ASN A 462 -8.74 29.15 -17.38
C ASN A 462 -8.86 29.29 -18.90
N LYS A 463 -8.91 30.52 -19.36
CA LYS A 463 -8.77 30.82 -20.77
C LYS A 463 -7.44 30.35 -21.37
N SER A 464 -6.32 30.74 -20.76
CA SER A 464 -5.05 30.81 -21.49
C SER A 464 -4.03 29.70 -21.18
N GLY A 465 -4.30 28.89 -20.16
CA GLY A 465 -3.32 27.90 -19.69
C GLY A 465 -2.34 28.47 -18.68
N ALA A 466 -1.17 27.86 -18.58
CA ALA A 466 -0.15 28.31 -17.62
C ALA A 466 0.50 29.62 -18.07
N PRO A 467 0.98 30.41 -17.12
CA PRO A 467 1.88 31.52 -17.43
C PRO A 467 3.26 31.01 -17.83
N ALA A 468 4.14 31.91 -18.28
CA ALA A 468 5.57 31.62 -18.34
C ALA A 468 6.15 31.55 -16.93
N THR A 469 7.35 30.99 -16.82
CA THR A 469 7.99 30.82 -15.53
C THR A 469 8.42 32.16 -14.92
N SER A 470 8.06 32.40 -13.67
CA SER A 470 8.58 33.54 -12.91
C SER A 470 9.50 33.05 -11.82
N TYR A 471 10.22 33.97 -11.20
CA TYR A 471 11.06 33.61 -10.08
C TYR A 471 10.25 32.92 -8.99
N ARG A 472 9.10 33.48 -8.65
CA ARG A 472 8.20 32.84 -7.70
C ARG A 472 7.20 31.96 -8.45
N PHE A 473 7.66 30.79 -8.89
CA PHE A 473 6.87 29.93 -9.76
C PHE A 473 5.87 29.10 -8.96
N ALA A 474 5.99 29.14 -7.64
CA ALA A 474 5.30 28.18 -6.80
C ALA A 474 4.24 28.86 -5.95
N ILE A 475 3.28 28.07 -5.47
CA ILE A 475 2.37 28.53 -4.43
C ILE A 475 3.07 28.51 -3.08
N GLY A 476 3.23 29.68 -2.48
CA GLY A 476 3.99 29.81 -1.25
C GLY A 476 5.50 29.82 -1.47
N GLY A 477 6.25 29.91 -0.36
CA GLY A 477 7.70 29.90 -0.41
C GLY A 477 8.24 31.20 0.15
N SER A 478 9.23 31.12 1.03
CA SER A 478 10.02 32.30 1.36
C SER A 478 11.07 32.64 0.27
N ASP A 479 11.73 33.79 0.42
CA ASP A 479 12.94 34.11 -0.35
C ASP A 479 13.99 33.02 -0.21
N ALA A 480 14.37 32.70 1.03
CA ALA A 480 15.33 31.64 1.29
C ALA A 480 14.94 30.38 0.53
N ASP A 481 13.68 29.97 0.68
CA ASP A 481 13.17 28.79 -0.03
C ASP A 481 13.50 28.92 -1.51
N TYR A 482 13.24 30.10 -2.06
CA TYR A 482 13.31 30.26 -3.48
C TYR A 482 14.72 30.20 -4.03
N GLN A 483 15.69 30.68 -3.27
CA GLN A 483 17.08 30.60 -3.73
C GLN A 483 17.69 29.24 -3.44
N ASN A 484 17.05 28.48 -2.57
CA ASN A 484 17.31 27.05 -2.46
C ASN A 484 16.77 26.23 -3.64
N ALA A 485 15.51 26.44 -4.00
CA ALA A 485 14.94 25.70 -5.14
C ALA A 485 15.66 26.07 -6.43
N TRP A 486 15.94 27.36 -6.62
CA TRP A 486 16.53 27.84 -7.87
C TRP A 486 17.96 27.35 -8.01
N SER A 487 18.70 27.37 -6.91
CA SER A 487 19.92 26.60 -6.77
C SER A 487 19.88 25.25 -7.51
N SER A 488 19.07 24.31 -7.03
CA SER A 488 19.03 22.96 -7.64
C SER A 488 18.64 23.02 -9.11
N ILE A 489 17.61 23.82 -9.40
CA ILE A 489 17.08 23.93 -10.74
C ILE A 489 18.18 24.39 -11.67
N VAL A 490 18.83 25.49 -11.31
CA VAL A 490 19.91 26.05 -12.10
C VAL A 490 21.03 25.02 -12.26
N GLY A 491 21.47 24.45 -11.14
CA GLY A 491 22.35 23.28 -11.14
C GLY A 491 22.04 22.28 -12.23
N SER A 492 20.75 22.09 -12.50
CA SER A 492 20.27 20.97 -13.30
C SER A 492 20.03 21.30 -14.77
N LEU A 493 20.85 22.17 -15.34
CA LEU A 493 20.91 22.30 -16.81
C LEU A 493 22.32 22.08 -17.33
N ILE B 5 7.44 -53.55 -6.39
CA ILE B 5 7.91 -52.34 -7.16
C ILE B 5 7.85 -51.01 -6.39
N SER B 6 8.49 -49.99 -6.95
CA SER B 6 8.85 -48.80 -6.18
C SER B 6 7.71 -47.79 -6.06
N GLU B 7 7.60 -47.13 -4.92
CA GLU B 7 6.62 -46.06 -4.82
C GLU B 7 7.13 -44.82 -4.12
N ILE B 8 6.64 -43.68 -4.59
CA ILE B 8 6.95 -42.37 -4.05
C ILE B 8 5.74 -41.92 -3.22
N THR B 9 5.97 -41.62 -1.93
CA THR B 9 4.89 -41.27 -1.01
C THR B 9 4.96 -39.80 -0.56
N TYR B 10 3.80 -39.21 -0.31
CA TYR B 10 3.71 -38.05 0.59
C TYR B 10 4.32 -38.30 1.96
N SER B 11 4.37 -37.27 2.78
CA SER B 11 5.09 -37.37 4.04
C SER B 11 4.38 -38.25 5.07
N ASP B 12 3.07 -38.38 4.96
CA ASP B 12 2.32 -39.30 5.85
C ASP B 12 2.33 -40.75 5.35
N GLY B 13 2.90 -40.99 4.17
CA GLY B 13 3.02 -42.34 3.66
C GLY B 13 2.07 -42.65 2.52
N THR B 14 1.10 -41.77 2.26
CA THR B 14 0.23 -41.93 1.10
C THR B 14 1.04 -42.03 -0.18
N VAL B 15 0.63 -42.91 -1.08
CA VAL B 15 1.32 -43.07 -2.37
C VAL B 15 1.04 -41.90 -3.31
N ILE B 16 2.11 -41.32 -3.85
CA ILE B 16 2.03 -40.34 -4.93
C ILE B 16 2.01 -41.05 -6.29
N ALA B 17 2.74 -42.17 -6.41
CA ALA B 17 2.91 -42.85 -7.69
C ALA B 17 3.82 -44.07 -7.62
N SER B 18 3.69 -44.95 -8.60
CA SER B 18 4.65 -46.05 -8.82
C SER B 18 5.69 -45.74 -9.87
N ILE B 19 6.92 -46.14 -9.57
CA ILE B 19 7.98 -46.24 -10.57
C ILE B 19 8.12 -47.69 -11.06
N GLU B 20 7.70 -47.92 -12.30
CA GLU B 20 8.19 -49.04 -13.08
C GLU B 20 8.84 -48.53 -14.37
N SER B 21 9.45 -49.45 -15.13
CA SER B 21 10.06 -49.15 -16.44
C SER B 21 9.02 -48.55 -17.41
N ASP B 22 9.46 -47.65 -18.29
CA ASP B 22 8.61 -47.15 -19.39
C ASP B 22 8.44 -48.19 -20.49
N LEU B 23 7.39 -48.06 -21.30
CA LEU B 23 7.44 -48.55 -22.69
C LEU B 23 8.44 -47.72 -23.48
N LEU B 24 8.82 -48.19 -24.67
CA LEU B 24 9.78 -47.47 -25.53
C LEU B 24 9.18 -46.17 -26.10
N ASP B 40 1.64 -33.39 -11.81
CA ASP B 40 2.66 -34.16 -12.52
C ASP B 40 4.05 -33.55 -12.36
N TYR B 41 4.11 -32.24 -12.12
CA TYR B 41 5.32 -31.59 -11.59
C TYR B 41 5.89 -32.42 -10.43
N LEU B 42 4.98 -33.00 -9.66
CA LEU B 42 5.31 -33.57 -8.36
C LEU B 42 6.03 -34.90 -8.57
N TYR B 43 5.49 -35.71 -9.48
CA TYR B 43 6.16 -36.91 -9.96
C TYR B 43 7.60 -36.69 -10.41
N PHE B 44 7.80 -35.80 -11.38
CA PHE B 44 9.12 -35.62 -11.94
C PHE B 44 10.12 -35.06 -10.95
N THR B 45 9.62 -34.21 -10.04
CA THR B 45 10.49 -33.48 -9.14
C THR B 45 10.98 -34.40 -8.05
N THR B 46 10.05 -35.14 -7.46
CA THR B 46 10.36 -36.14 -6.45
C THR B 46 11.20 -37.34 -6.99
N LEU B 47 10.84 -37.87 -8.16
CA LEU B 47 11.63 -38.94 -8.79
C LEU B 47 13.05 -38.47 -9.07
N ALA B 48 13.18 -37.28 -9.66
CA ALA B 48 14.49 -36.74 -10.00
C ALA B 48 15.40 -36.62 -8.79
N GLU B 49 14.88 -36.13 -7.67
CA GLU B 49 15.73 -35.97 -6.49
C GLU B 49 16.05 -37.33 -5.86
N ALA B 50 15.08 -38.22 -5.83
CA ALA B 50 15.33 -39.62 -5.47
C ALA B 50 16.43 -40.29 -6.32
N GLN B 51 16.48 -39.99 -7.61
CA GLN B 51 17.53 -40.58 -8.44
C GLN B 51 18.91 -40.00 -8.15
N GLU B 52 18.94 -38.73 -7.74
CA GLU B 52 20.18 -38.07 -7.36
C GLU B 52 20.74 -38.72 -6.10
N ARG B 53 19.85 -39.05 -5.16
CA ARG B 53 20.20 -39.77 -3.93
C ARG B 53 20.68 -41.20 -4.19
N MET B 54 19.87 -41.96 -4.91
CA MET B 54 20.26 -43.30 -5.34
C MET B 54 21.63 -43.24 -5.99
N TYR B 55 21.84 -42.22 -6.84
CA TYR B 55 23.12 -42.03 -7.54
C TYR B 55 24.28 -41.96 -6.53
N ASP B 56 24.21 -41.01 -5.60
CA ASP B 56 25.26 -40.81 -4.62
C ASP B 56 25.50 -42.08 -3.81
N TYR B 57 24.42 -42.81 -3.54
CA TYR B 57 24.50 -44.05 -2.79
C TYR B 57 25.24 -45.16 -3.55
N LEU B 58 24.82 -45.39 -4.79
CA LEU B 58 25.42 -46.41 -5.63
C LEU B 58 26.90 -46.14 -5.86
N ALA B 59 27.22 -44.89 -6.16
CA ALA B 59 28.60 -44.45 -6.36
C ALA B 59 29.47 -44.80 -5.15
N GLN B 60 28.98 -44.51 -3.95
CA GLN B 60 29.78 -44.61 -2.75
C GLN B 60 29.87 -46.06 -2.28
N ARG B 61 28.76 -46.78 -2.39
CA ARG B 61 28.79 -48.23 -2.25
C ARG B 61 29.90 -48.84 -3.08
N ASP B 62 30.10 -48.33 -4.28
CA ASP B 62 31.08 -48.90 -5.20
C ASP B 62 32.46 -48.27 -5.02
N ASN B 63 32.58 -47.31 -4.13
CA ASN B 63 33.84 -46.60 -3.90
C ASN B 63 34.42 -45.86 -5.12
N VAL B 64 33.56 -45.23 -5.91
CA VAL B 64 34.00 -44.17 -6.81
C VAL B 64 34.43 -42.93 -6.03
N SER B 65 35.45 -42.23 -6.52
CA SER B 65 35.97 -41.03 -5.87
C SER B 65 35.64 -39.79 -6.70
N ALA B 66 35.68 -38.62 -6.06
CA ALA B 66 35.46 -37.35 -6.77
C ALA B 66 36.37 -37.18 -7.98
N LYS B 67 37.47 -37.94 -8.01
CA LYS B 67 38.26 -38.07 -9.23
C LYS B 67 37.41 -38.69 -10.35
N GLU B 68 37.05 -39.96 -10.18
CA GLU B 68 36.24 -40.69 -11.17
C GLU B 68 34.88 -40.07 -11.42
N LEU B 69 34.27 -39.51 -10.38
CA LEU B 69 32.94 -38.95 -10.47
C LEU B 69 32.96 -37.59 -11.19
N LYS B 70 34.15 -37.14 -11.57
CA LYS B 70 34.26 -35.97 -12.43
C LYS B 70 34.14 -36.38 -13.90
N ASN B 71 34.31 -37.67 -14.18
CA ASN B 71 34.31 -38.17 -15.54
C ASN B 71 32.92 -38.48 -16.08
N GLU B 72 32.65 -38.04 -17.30
CA GLU B 72 31.28 -37.89 -17.80
C GLU B 72 30.68 -39.22 -18.24
N ALA B 73 31.50 -40.06 -18.83
CA ALA B 73 31.11 -41.43 -19.10
C ALA B 73 30.70 -42.15 -17.80
N THR B 74 31.20 -41.66 -16.67
CA THR B 74 30.98 -42.33 -15.39
C THR B 74 29.73 -41.80 -14.69
N GLN B 75 29.53 -40.49 -14.78
CA GLN B 75 28.28 -39.90 -14.34
C GLN B 75 27.12 -40.57 -15.09
N LYS B 76 27.19 -40.59 -16.41
CA LYS B 76 26.10 -41.15 -17.22
C LYS B 76 25.83 -42.59 -16.83
N PHE B 77 26.88 -43.35 -16.51
CA PHE B 77 26.72 -44.73 -16.05
C PHE B 77 25.97 -44.81 -14.73
N TYR B 78 26.22 -43.86 -13.83
CA TYR B 78 25.65 -43.97 -12.50
C TYR B 78 24.29 -43.32 -12.43
N ARG B 79 24.02 -42.42 -13.38
CA ARG B 79 22.68 -41.93 -13.60
C ARG B 79 21.78 -43.02 -14.19
N ASP B 80 22.23 -43.69 -15.25
CA ASP B 80 21.54 -44.88 -15.76
C ASP B 80 21.29 -45.94 -14.67
N LEU B 81 22.33 -46.28 -13.94
CA LEU B 81 22.23 -47.25 -12.86
C LEU B 81 21.14 -46.91 -11.82
N ALA B 82 21.06 -45.62 -11.45
CA ALA B 82 20.08 -45.15 -10.44
C ALA B 82 18.61 -45.18 -10.91
N ALA B 83 18.37 -44.74 -12.14
CA ALA B 83 17.11 -45.04 -12.82
C ALA B 83 16.74 -46.53 -12.78
N LYS B 84 17.56 -47.38 -13.40
CA LYS B 84 17.32 -48.84 -13.39
C LYS B 84 17.02 -49.32 -11.97
N GLU B 85 17.82 -48.87 -11.02
CA GLU B 85 17.73 -49.35 -9.64
C GLU B 85 16.35 -49.08 -9.02
N ILE B 86 15.83 -47.87 -9.22
CA ILE B 86 14.51 -47.52 -8.65
C ILE B 86 13.38 -48.18 -9.44
N GLU B 87 13.57 -48.29 -10.74
CA GLU B 87 12.60 -48.94 -11.63
C GLU B 87 12.41 -50.42 -11.33
N ASN B 88 13.50 -51.14 -11.09
CA ASN B 88 13.43 -52.59 -10.94
C ASN B 88 13.43 -53.03 -9.48
N GLY B 89 13.92 -52.16 -8.61
CA GLY B 89 14.10 -52.47 -7.20
C GLY B 89 12.78 -52.29 -6.46
N GLY B 90 12.78 -52.62 -5.18
CA GLY B 90 11.60 -52.47 -4.38
C GLY B 90 11.83 -51.43 -3.31
N TYR B 91 11.95 -50.17 -3.74
CA TYR B 91 12.23 -49.08 -2.82
C TYR B 91 10.99 -48.31 -2.43
N LYS B 92 10.82 -48.08 -1.13
CA LYS B 92 9.97 -46.99 -0.68
C LYS B 92 10.68 -45.62 -0.51
N ILE B 93 10.19 -44.64 -1.28
CA ILE B 93 10.73 -43.28 -1.25
C ILE B 93 9.77 -42.33 -0.54
N THR B 94 10.18 -41.84 0.62
CA THR B 94 9.38 -40.91 1.39
C THR B 94 9.76 -39.46 1.11
N THR B 95 8.79 -38.68 0.63
CA THR B 95 9.02 -37.26 0.34
C THR B 95 8.62 -36.43 1.54
N THR B 96 9.06 -35.18 1.57
CA THR B 96 8.62 -34.24 2.58
C THR B 96 7.30 -33.55 2.20
N ILE B 97 6.74 -33.88 1.04
CA ILE B 97 5.57 -33.17 0.56
C ILE B 97 4.35 -33.45 1.42
N ASP B 98 3.68 -32.39 1.86
CA ASP B 98 2.44 -32.50 2.61
C ASP B 98 1.25 -32.48 1.63
N GLN B 99 0.53 -33.60 1.55
CA GLN B 99 -0.44 -33.77 0.46
C GLN B 99 -1.54 -32.71 0.47
N LYS B 100 -2.10 -32.42 1.64
CA LYS B 100 -3.21 -31.50 1.76
C LYS B 100 -2.76 -30.09 1.39
N ILE B 101 -1.55 -29.73 1.81
CA ILE B 101 -1.02 -28.41 1.53
C ILE B 101 -0.64 -28.21 0.05
N HIS B 102 0.09 -29.17 -0.51
CA HIS B 102 0.47 -29.16 -1.92
C HIS B 102 -0.78 -29.08 -2.82
N SER B 103 -1.74 -29.96 -2.58
CA SER B 103 -3.01 -29.93 -3.30
C SER B 103 -3.61 -28.55 -3.27
N ALA B 104 -3.64 -27.98 -2.07
CA ALA B 104 -4.26 -26.69 -1.83
C ALA B 104 -3.55 -25.62 -2.67
N MET B 105 -2.24 -25.82 -2.86
CA MET B 105 -1.46 -24.90 -3.65
C MET B 105 -1.74 -25.07 -5.13
N GLN B 106 -1.88 -26.32 -5.59
CA GLN B 106 -2.23 -26.60 -6.97
C GLN B 106 -3.58 -25.95 -7.27
N SER B 107 -4.49 -26.03 -6.32
CA SER B 107 -5.79 -25.40 -6.48
C SER B 107 -5.68 -23.88 -6.59
N ALA B 108 -4.87 -23.29 -5.69
CA ALA B 108 -4.64 -21.85 -5.65
C ALA B 108 -4.11 -21.24 -6.96
N VAL B 109 -3.06 -21.85 -7.52
CA VAL B 109 -2.56 -21.44 -8.83
C VAL B 109 -3.58 -21.65 -9.96
N ALA B 110 -4.25 -22.79 -9.96
CA ALA B 110 -5.41 -23.01 -10.82
C ALA B 110 -6.49 -21.92 -10.67
N ASP B 111 -6.88 -21.61 -9.45
CA ASP B 111 -7.98 -20.67 -9.23
C ASP B 111 -7.54 -19.22 -9.40
N TYR B 112 -6.29 -18.92 -9.02
CA TYR B 112 -5.90 -17.52 -8.88
C TYR B 112 -4.79 -17.04 -9.80
N GLY B 113 -4.25 -17.96 -10.60
CA GLY B 113 -3.14 -17.64 -11.48
C GLY B 113 -3.46 -16.49 -12.42
N TYR B 114 -4.69 -16.46 -12.92
CA TYR B 114 -5.14 -15.37 -13.78
C TYR B 114 -4.89 -14.00 -13.16
N LEU B 115 -4.82 -13.92 -11.83
CA LEU B 115 -4.44 -12.66 -11.17
C LEU B 115 -3.08 -12.11 -11.59
N LEU B 116 -2.26 -12.96 -12.19
CA LEU B 116 -0.93 -12.60 -12.64
C LEU B 116 -0.95 -12.04 -14.07
N ASP B 117 -1.88 -12.51 -14.88
CA ASP B 117 -1.93 -12.08 -16.28
C ASP B 117 -2.20 -10.60 -16.34
N ASP B 118 -1.22 -9.83 -16.82
CA ASP B 118 -1.26 -8.35 -16.76
C ASP B 118 -1.27 -7.70 -18.15
N GLY B 119 -1.38 -8.50 -19.20
CA GLY B 119 -1.43 -7.97 -20.55
C GLY B 119 -0.13 -8.20 -21.29
N THR B 120 0.84 -8.82 -20.64
CA THR B 120 2.06 -9.16 -21.34
C THR B 120 2.03 -10.62 -21.80
N GLY B 121 0.87 -11.25 -21.65
CA GLY B 121 0.71 -12.66 -22.00
C GLY B 121 0.39 -13.57 -20.82
N ARG B 122 0.67 -14.87 -20.98
CA ARG B 122 0.59 -15.82 -19.88
C ARG B 122 1.79 -15.75 -18.96
N VAL B 123 1.59 -15.13 -17.80
CA VAL B 123 2.66 -15.01 -16.82
C VAL B 123 2.86 -16.33 -16.09
N GLU B 124 4.09 -16.82 -16.12
CA GLU B 124 4.43 -18.03 -15.41
C GLU B 124 4.93 -17.73 -14.00
N VAL B 125 5.02 -18.75 -13.16
CA VAL B 125 5.03 -18.60 -11.70
C VAL B 125 5.67 -19.85 -11.13
N GLY B 126 6.55 -19.66 -10.15
CA GLY B 126 7.05 -20.76 -9.31
C GLY B 126 7.04 -20.38 -7.84
N ASN B 127 6.70 -21.34 -6.97
CA ASN B 127 6.63 -21.12 -5.53
C ASN B 127 7.20 -22.33 -4.80
N VAL B 128 7.91 -22.11 -3.70
CA VAL B 128 8.34 -23.21 -2.83
C VAL B 128 8.01 -22.87 -1.39
N LEU B 129 7.13 -23.67 -0.77
CA LEU B 129 6.90 -23.62 0.69
C LEU B 129 7.87 -24.50 1.47
N MET B 130 8.62 -23.89 2.37
CA MET B 130 9.68 -24.59 3.07
C MET B 130 9.53 -24.43 4.58
N ASP B 131 9.82 -25.50 5.30
CA ASP B 131 9.80 -25.53 6.75
C ASP B 131 11.10 -24.96 7.33
N ASN B 132 11.01 -23.86 8.09
CA ASN B 132 12.23 -23.14 8.48
C ASN B 132 13.13 -23.94 9.39
N GLN B 133 12.56 -24.90 10.10
CA GLN B 133 13.33 -25.66 11.07
C GLN B 133 14.06 -26.89 10.52
N THR B 134 13.75 -27.30 9.29
CA THR B 134 14.37 -28.50 8.72
C THR B 134 14.79 -28.39 7.25
N GLY B 135 14.28 -27.38 6.55
CA GLY B 135 14.51 -27.29 5.11
C GLY B 135 13.66 -28.22 4.26
N ALA B 136 12.78 -29.00 4.90
CA ALA B 136 11.79 -29.81 4.16
C ALA B 136 10.88 -28.93 3.30
N ILE B 137 10.66 -29.34 2.06
CA ILE B 137 9.73 -28.63 1.20
C ILE B 137 8.36 -29.27 1.29
N LEU B 138 7.37 -28.47 1.69
CA LEU B 138 6.09 -29.00 2.07
C LEU B 138 5.18 -28.96 0.87
N GLY B 139 5.48 -28.06 -0.07
CA GLY B 139 4.72 -27.99 -1.31
C GLY B 139 5.27 -26.94 -2.24
N PHE B 140 4.80 -26.94 -3.48
CA PHE B 140 5.30 -25.99 -4.47
C PHE B 140 4.32 -25.76 -5.62
N VAL B 141 4.49 -24.64 -6.31
CA VAL B 141 3.84 -24.41 -7.59
C VAL B 141 4.88 -24.38 -8.72
N GLY B 142 4.71 -25.23 -9.71
CA GLY B 142 5.72 -25.43 -10.75
C GLY B 142 5.47 -24.55 -11.96
N GLY B 143 4.25 -24.07 -12.10
CA GLY B 143 3.90 -23.17 -13.21
C GLY B 143 2.40 -23.00 -13.26
N ARG B 144 1.91 -22.21 -14.21
CA ARG B 144 0.47 -22.02 -14.41
C ARG B 144 -0.32 -23.31 -14.65
N ASN B 145 0.24 -24.27 -15.36
CA ASN B 145 -0.54 -25.46 -15.75
C ASN B 145 0.32 -26.47 -16.47
N TYR B 146 0.66 -27.54 -15.77
CA TYR B 146 1.61 -28.53 -16.30
C TYR B 146 1.27 -29.06 -17.73
N GLN B 147 0.01 -29.44 -17.96
CA GLN B 147 -0.56 -29.59 -19.30
C GLN B 147 0.09 -28.66 -20.33
N GLU B 148 -0.07 -27.36 -20.13
CA GLU B 148 0.25 -26.40 -21.18
C GLU B 148 1.74 -26.17 -21.31
N ASN B 149 2.46 -26.43 -20.23
CA ASN B 149 3.85 -26.04 -20.08
C ASN B 149 4.47 -26.79 -18.93
N GLN B 150 5.50 -27.58 -19.24
CA GLN B 150 6.10 -28.50 -18.28
C GLN B 150 7.34 -27.91 -17.61
N ASN B 151 7.79 -26.74 -18.05
CA ASN B 151 8.89 -26.09 -17.36
C ASN B 151 8.58 -25.98 -15.89
N ASN B 152 9.42 -26.61 -15.09
CA ASN B 152 9.28 -26.55 -13.66
C ASN B 152 9.91 -25.28 -13.13
N HIS B 153 9.06 -24.31 -12.79
CA HIS B 153 9.56 -23.02 -12.38
C HIS B 153 9.92 -22.96 -10.90
N ALA B 154 9.62 -24.01 -10.17
CA ALA B 154 9.94 -24.06 -8.75
C ALA B 154 11.37 -24.58 -8.59
N PHE B 155 11.76 -25.56 -9.43
CA PHE B 155 13.00 -26.33 -9.19
C PHE B 155 14.05 -26.21 -10.28
N ASP B 156 13.64 -25.79 -11.48
CA ASP B 156 14.51 -25.85 -12.66
C ASP B 156 14.94 -24.48 -13.20
N THR B 157 13.97 -23.62 -13.48
CA THR B 157 14.24 -22.26 -13.97
C THR B 157 15.20 -21.52 -13.04
N LYS B 158 16.27 -20.95 -13.60
CA LYS B 158 17.11 -20.00 -12.86
C LYS B 158 16.97 -18.59 -13.40
N ARG B 159 16.85 -17.63 -12.50
CA ARG B 159 16.67 -16.23 -12.86
C ARG B 159 17.36 -15.37 -11.82
N SER B 160 17.63 -14.11 -12.15
CA SER B 160 18.22 -13.19 -11.21
C SER B 160 17.27 -12.87 -10.06
N PRO B 161 17.75 -13.03 -8.82
CA PRO B 161 16.92 -12.73 -7.66
C PRO B 161 16.74 -11.22 -7.46
N ALA B 162 17.40 -10.42 -8.30
CA ALA B 162 17.28 -8.96 -8.25
C ALA B 162 17.52 -8.43 -6.84
N SER B 163 16.64 -7.54 -6.37
CA SER B 163 16.84 -6.90 -5.07
C SER B 163 16.64 -7.80 -3.85
N THR B 164 16.06 -9.00 -4.01
CA THR B 164 16.02 -9.94 -2.90
C THR B 164 17.40 -10.52 -2.60
N THR B 165 18.39 -10.13 -3.42
CA THR B 165 19.79 -10.43 -3.15
C THR B 165 20.28 -9.62 -1.95
N LYS B 166 19.71 -8.44 -1.75
CA LYS B 166 20.34 -7.42 -0.91
C LYS B 166 20.45 -7.80 0.57
N PRO B 167 19.41 -8.39 1.15
CA PRO B 167 19.50 -8.76 2.56
C PRO B 167 20.57 -9.83 2.81
N LEU B 168 20.78 -10.74 1.86
CA LEU B 168 21.65 -11.88 2.12
C LEU B 168 23.10 -11.54 1.83
N LEU B 169 23.33 -10.90 0.70
CA LEU B 169 24.68 -10.73 0.17
C LEU B 169 25.32 -9.43 0.67
N ALA B 170 24.49 -8.42 0.90
CA ALA B 170 24.98 -7.11 1.28
C ALA B 170 24.75 -6.85 2.77
N TYR B 171 23.51 -6.54 3.14
CA TYR B 171 23.24 -5.89 4.41
C TYR B 171 23.40 -6.90 5.54
N GLY B 172 22.96 -8.12 5.30
CA GLY B 172 23.08 -9.16 6.29
C GLY B 172 24.52 -9.45 6.64
N ILE B 173 25.36 -9.53 5.60
CA ILE B 173 26.77 -9.79 5.84
C ILE B 173 27.48 -8.59 6.48
N ALA B 174 27.17 -7.38 6.04
CA ALA B 174 27.70 -6.19 6.68
C ALA B 174 27.37 -6.21 8.19
N ILE B 175 26.11 -6.41 8.55
CA ILE B 175 25.75 -6.41 9.97
C ILE B 175 26.51 -7.52 10.70
N ASP B 176 26.65 -8.67 10.03
CA ASP B 176 27.25 -9.82 10.66
C ASP B 176 28.70 -9.53 10.98
N GLN B 177 29.32 -8.68 10.18
CA GLN B 177 30.75 -8.47 10.26
C GLN B 177 31.00 -7.25 11.15
N GLY B 178 29.92 -6.70 11.69
CA GLY B 178 30.01 -5.61 12.63
C GLY B 178 30.29 -4.30 11.92
N LEU B 179 29.84 -4.17 10.68
CA LEU B 179 30.18 -3.01 9.87
C LEU B 179 29.01 -2.07 9.73
N MET B 180 27.84 -2.50 10.22
CA MET B 180 26.72 -1.58 10.34
C MET B 180 25.71 -2.16 11.29
N GLY B 181 24.73 -1.33 11.66
CA GLY B 181 23.61 -1.80 12.46
C GLY B 181 22.28 -1.24 11.98
N SER B 182 21.24 -1.50 12.75
CA SER B 182 19.89 -1.44 12.22
C SER B 182 19.54 -0.05 11.73
N GLU B 183 20.16 0.97 12.31
CA GLU B 183 19.82 2.35 11.95
C GLU B 183 21.03 3.09 11.39
N THR B 184 22.02 2.34 10.91
CA THR B 184 23.15 2.91 10.20
C THR B 184 22.69 3.68 8.97
N ILE B 185 23.42 4.76 8.64
CA ILE B 185 23.12 5.60 7.48
C ILE B 185 23.91 5.18 6.24
N LEU B 186 23.25 5.21 5.08
CA LEU B 186 23.92 4.89 3.82
C LEU B 186 23.71 6.01 2.81
N SER B 187 24.70 6.23 1.95
CA SER B 187 24.58 7.18 0.86
C SER B 187 23.64 6.65 -0.21
N ASN B 188 22.69 7.48 -0.63
CA ASN B 188 21.97 7.25 -1.86
C ASN B 188 22.15 8.42 -2.80
N TYR B 189 23.20 9.20 -2.59
CA TYR B 189 23.52 10.28 -3.52
C TYR B 189 23.94 9.64 -4.83
N PRO B 190 23.64 10.34 -5.93
CA PRO B 190 24.02 9.90 -7.27
C PRO B 190 25.48 9.42 -7.33
N THR B 191 25.74 8.39 -8.11
CA THR B 191 27.10 7.90 -8.31
C THR B 191 27.16 6.97 -9.52
N ASN B 192 28.34 6.85 -10.09
CA ASN B 192 28.52 6.07 -11.29
C ASN B 192 29.20 4.74 -11.04
N PHE B 193 28.86 3.75 -11.85
CA PHE B 193 29.72 2.60 -12.03
C PHE B 193 31.07 3.02 -12.56
N ALA B 194 32.00 2.08 -12.63
CA ALA B 194 33.38 2.40 -12.97
C ALA B 194 33.50 2.89 -14.40
N ASN B 195 32.59 2.43 -15.26
CA ASN B 195 32.55 2.83 -16.66
C ASN B 195 32.04 4.25 -16.85
N GLY B 196 31.48 4.84 -15.80
CA GLY B 196 30.97 6.20 -15.89
C GLY B 196 29.45 6.33 -15.90
N ASN B 197 28.75 5.22 -16.05
CA ASN B 197 27.27 5.20 -16.03
C ASN B 197 26.68 5.37 -14.64
N PRO B 198 25.57 6.09 -14.54
CA PRO B 198 24.94 6.30 -13.25
C PRO B 198 24.30 4.99 -12.73
N ILE B 199 24.40 4.76 -11.42
CA ILE B 199 23.65 3.68 -10.81
C ILE B 199 22.21 4.14 -10.64
N MET B 200 21.30 3.47 -11.32
CA MET B 200 19.90 3.91 -11.39
C MET B 200 19.11 3.09 -10.41
N TYR B 201 17.96 3.61 -10.01
CA TYR B 201 16.90 2.80 -9.40
C TYR B 201 15.59 3.33 -10.00
N ALA B 202 14.85 2.46 -10.68
CA ALA B 202 13.77 2.95 -11.55
C ALA B 202 14.31 4.09 -12.39
N ASN B 203 13.63 5.23 -12.39
CA ASN B 203 14.15 6.41 -13.11
C ASN B 203 15.02 7.32 -12.28
N SER B 204 15.23 6.98 -11.02
CA SER B 204 15.91 7.87 -10.07
C SER B 204 17.43 7.70 -10.09
N LYS B 205 18.13 8.81 -10.28
CA LYS B 205 19.58 8.81 -10.27
C LYS B 205 20.11 8.78 -8.85
N GLY B 206 19.21 8.86 -7.86
CA GLY B 206 19.61 8.92 -6.45
C GLY B 206 18.96 10.04 -5.67
N THR B 207 19.05 9.97 -4.34
CA THR B 207 18.64 11.10 -3.52
C THR B 207 19.75 11.54 -2.55
N GLY B 208 19.67 11.17 -1.28
CA GLY B 208 20.65 11.61 -0.29
C GLY B 208 20.93 10.51 0.70
N MET B 209 21.36 10.87 1.92
CA MET B 209 21.57 9.88 2.98
C MET B 209 20.25 9.31 3.47
N MET B 210 20.31 8.19 4.17
CA MET B 210 19.21 7.24 4.21
C MET B 210 19.49 6.21 5.30
N THR B 211 18.49 5.90 6.12
CA THR B 211 18.66 4.76 7.02
C THR B 211 18.60 3.46 6.24
N LEU B 212 19.38 2.48 6.67
CA LEU B 212 19.16 1.10 6.29
C LEU B 212 17.68 0.78 6.01
N GLY B 213 16.82 1.12 6.96
CA GLY B 213 15.44 0.71 6.92
C GLY B 213 14.80 1.28 5.68
N GLU B 214 15.18 2.52 5.35
CA GLU B 214 14.54 3.22 4.26
C GLU B 214 15.08 2.63 2.97
N ALA B 215 16.36 2.32 3.00
CA ALA B 215 17.03 1.71 1.89
C ALA B 215 16.41 0.33 1.57
N LEU B 216 16.08 -0.44 2.61
CA LEU B 216 15.38 -1.68 2.45
C LEU B 216 13.94 -1.49 1.96
N ASN B 217 13.19 -0.61 2.58
CA ASN B 217 11.77 -0.47 2.27
C ASN B 217 11.56 -0.04 0.86
N TYR B 218 12.44 0.86 0.38
CA TYR B 218 12.36 1.33 -1.01
C TYR B 218 13.18 0.48 -1.94
N SER B 219 14.09 -0.32 -1.39
CA SER B 219 14.96 -1.13 -2.21
C SER B 219 15.83 -0.27 -3.12
N TRP B 220 16.44 0.76 -2.56
CA TRP B 220 17.37 1.60 -3.30
C TRP B 220 18.61 0.78 -3.68
N ASN B 221 19.26 1.18 -4.76
CA ASN B 221 20.40 0.41 -5.27
C ASN B 221 21.75 0.87 -4.75
N ILE B 222 21.97 2.19 -4.75
CA ILE B 222 23.26 2.76 -4.36
C ILE B 222 23.75 2.36 -2.96
N PRO B 223 22.87 2.41 -1.96
CA PRO B 223 23.23 1.92 -0.64
C PRO B 223 23.78 0.49 -0.73
N ALA B 224 23.06 -0.38 -1.42
CA ALA B 224 23.52 -1.74 -1.68
C ALA B 224 24.88 -1.84 -2.41
N TYR B 225 25.03 -1.09 -3.50
CA TYR B 225 26.33 -0.90 -4.14
C TYR B 225 27.47 -0.59 -3.15
N TRP B 226 27.29 0.44 -2.32
CA TRP B 226 28.35 0.88 -1.42
C TRP B 226 28.60 -0.19 -0.37
N THR B 227 27.52 -0.81 0.10
CA THR B 227 27.63 -1.85 1.09
C THR B 227 28.50 -3.01 0.59
N TYR B 228 28.31 -3.38 -0.67
CA TYR B 228 29.10 -4.48 -1.20
C TYR B 228 30.56 -4.07 -1.41
N ARG B 229 30.75 -2.85 -1.90
CA ARG B 229 32.09 -2.28 -1.97
C ARG B 229 32.82 -2.30 -0.63
N MET B 230 32.12 -1.87 0.43
CA MET B 230 32.70 -1.93 1.76
C MET B 230 33.22 -3.32 2.09
N LEU B 231 32.39 -4.34 1.83
CA LEU B 231 32.74 -5.69 2.23
C LEU B 231 33.97 -6.18 1.48
N ARG B 232 34.12 -5.76 0.23
CA ARG B 232 35.36 -6.00 -0.52
C ARG B 232 36.57 -5.28 0.10
N GLU B 233 36.46 -3.97 0.35
CA GLU B 233 37.54 -3.21 0.99
C GLU B 233 37.97 -3.89 2.29
N ASN B 234 37.03 -4.52 2.97
CA ASN B 234 37.34 -5.18 4.24
C ASN B 234 37.75 -6.63 4.05
N GLY B 235 37.93 -7.05 2.80
CA GLY B 235 38.31 -8.43 2.50
C GLY B 235 37.38 -9.48 3.09
N VAL B 236 36.11 -9.15 3.25
CA VAL B 236 35.16 -10.11 3.83
C VAL B 236 34.86 -11.28 2.91
N ASP B 237 34.80 -12.47 3.48
CA ASP B 237 34.61 -13.67 2.69
C ASP B 237 33.15 -13.89 2.30
N VAL B 238 32.67 -13.12 1.33
CA VAL B 238 31.24 -13.12 0.99
C VAL B 238 30.86 -14.44 0.33
N LYS B 239 31.78 -14.98 -0.48
CA LYS B 239 31.57 -16.29 -1.08
C LYS B 239 31.28 -17.33 0.01
N GLY B 240 32.08 -17.31 1.06
CA GLY B 240 31.89 -18.24 2.16
C GLY B 240 30.47 -18.28 2.69
N TYR B 241 29.88 -17.11 2.95
CA TYR B 241 28.49 -17.05 3.40
C TYR B 241 27.53 -17.70 2.39
N MET B 242 27.57 -17.20 1.16
CA MET B 242 26.64 -17.64 0.12
C MET B 242 26.76 -19.14 -0.14
N GLU B 243 27.97 -19.66 -0.02
CA GLU B 243 28.18 -21.07 -0.27
C GLU B 243 27.67 -21.94 0.83
N LYS B 244 27.71 -21.42 2.06
CA LYS B 244 27.17 -22.16 3.18
C LYS B 244 25.67 -22.40 2.98
N MET B 245 25.08 -21.61 2.07
CA MET B 245 23.62 -21.63 1.86
C MET B 245 23.27 -22.32 0.55
N GLY B 246 24.31 -22.76 -0.17
CA GLY B 246 24.12 -23.57 -1.38
C GLY B 246 24.10 -22.73 -2.64
N TYR B 247 24.47 -21.45 -2.51
CA TYR B 247 24.44 -20.57 -3.66
C TYR B 247 25.64 -20.77 -4.58
N GLU B 248 25.39 -20.77 -5.88
CA GLU B 248 26.46 -20.91 -6.88
C GLU B 248 26.57 -19.66 -7.74
N ILE B 249 27.49 -18.80 -7.33
CA ILE B 249 27.75 -17.57 -8.05
C ILE B 249 29.14 -17.65 -8.63
N PRO B 250 29.27 -17.56 -9.95
CA PRO B 250 30.54 -17.88 -10.58
C PRO B 250 31.54 -16.75 -10.44
N GLU B 251 31.07 -15.52 -10.32
CA GLU B 251 31.98 -14.37 -10.36
C GLU B 251 31.52 -13.33 -9.35
N TYR B 252 32.35 -13.08 -8.35
CA TYR B 252 31.98 -12.17 -7.26
C TYR B 252 32.45 -10.74 -7.52
N GLY B 253 33.41 -10.57 -8.42
CA GLY B 253 33.90 -9.25 -8.76
C GLY B 253 33.01 -8.56 -9.76
N ILE B 254 31.83 -8.14 -9.30
CA ILE B 254 30.86 -7.48 -10.16
C ILE B 254 30.13 -6.38 -9.39
N GLU B 255 30.19 -5.15 -9.88
CA GLU B 255 29.75 -4.02 -9.06
C GLU B 255 28.29 -4.16 -8.64
N SER B 256 27.48 -4.85 -9.44
CA SER B 256 26.03 -4.83 -9.27
C SER B 256 25.55 -6.16 -8.69
N LEU B 257 26.51 -7.02 -8.35
CA LEU B 257 26.20 -8.26 -7.64
C LEU B 257 25.12 -8.13 -6.56
N PRO B 258 25.28 -7.22 -5.60
CA PRO B 258 24.32 -7.12 -4.52
C PRO B 258 22.91 -6.76 -5.00
N MET B 259 22.80 -6.10 -6.14
CA MET B 259 21.51 -5.93 -6.79
C MET B 259 21.05 -7.15 -7.61
N GLY B 260 21.82 -8.22 -7.60
CA GLY B 260 21.39 -9.41 -8.32
C GLY B 260 22.07 -9.59 -9.67
N GLY B 261 23.00 -8.70 -9.99
CA GLY B 261 23.69 -8.77 -11.28
C GLY B 261 24.62 -9.97 -11.25
N GLY B 262 24.59 -10.77 -12.31
CA GLY B 262 25.43 -11.96 -12.38
C GLY B 262 25.08 -13.09 -11.43
N ILE B 263 23.86 -13.06 -10.91
CA ILE B 263 23.32 -14.19 -10.14
C ILE B 263 22.06 -14.75 -10.77
N GLU B 264 21.94 -16.07 -10.71
CA GLU B 264 20.82 -16.78 -11.30
C GLU B 264 20.45 -17.90 -10.33
N VAL B 265 19.18 -17.97 -9.93
CA VAL B 265 18.78 -18.99 -8.96
C VAL B 265 17.40 -19.58 -9.23
N THR B 266 17.22 -20.83 -8.78
CA THR B 266 15.91 -21.45 -8.71
C THR B 266 15.14 -20.84 -7.55
N VAL B 267 13.82 -20.94 -7.61
CA VAL B 267 12.98 -20.56 -6.49
C VAL B 267 13.30 -21.36 -5.22
N ALA B 268 13.60 -22.65 -5.39
CA ALA B 268 13.85 -23.52 -4.26
C ALA B 268 15.15 -23.17 -3.57
N GLN B 269 16.21 -22.93 -4.34
CA GLN B 269 17.46 -22.54 -3.74
C GLN B 269 17.22 -21.23 -3.03
N HIS B 270 16.56 -20.28 -3.70
CA HIS B 270 16.46 -18.95 -3.11
C HIS B 270 15.58 -18.93 -1.86
N THR B 271 14.53 -19.74 -1.86
CA THR B 271 13.75 -19.95 -0.65
C THR B 271 14.63 -20.41 0.52
N ASN B 272 15.67 -21.17 0.22
CA ASN B 272 16.57 -21.73 1.25
C ASN B 272 17.36 -20.60 1.88
N GLY B 273 17.56 -19.51 1.12
CA GLY B 273 18.35 -18.38 1.61
C GLY B 273 17.51 -17.61 2.63
N TYR B 274 16.24 -17.44 2.33
CA TYR B 274 15.39 -16.71 3.24
C TYR B 274 15.04 -17.59 4.44
N GLN B 275 15.02 -18.90 4.24
CA GLN B 275 14.90 -19.86 5.36
C GLN B 275 15.99 -19.59 6.39
N THR B 276 17.19 -19.27 5.91
CA THR B 276 18.33 -19.08 6.78
C THR B 276 18.19 -17.86 7.67
N LEU B 277 17.76 -16.75 7.10
CA LEU B 277 17.48 -15.58 7.90
C LEU B 277 16.33 -15.84 8.88
N ALA B 278 15.30 -16.54 8.41
CA ALA B 278 14.08 -16.74 9.20
C ALA B 278 14.38 -17.65 10.38
N ASN B 279 15.26 -18.63 10.17
CA ASN B 279 15.58 -19.60 11.21
C ASN B 279 16.76 -19.12 12.05
N ASN B 280 16.76 -17.82 12.34
CA ASN B 280 17.74 -17.21 13.25
C ASN B 280 19.18 -17.36 12.84
N GLY B 281 19.41 -17.47 11.53
CA GLY B 281 20.77 -17.50 10.99
C GLY B 281 21.19 -18.90 10.60
N VAL B 282 20.36 -19.90 10.93
CA VAL B 282 20.78 -21.30 10.84
C VAL B 282 20.20 -21.98 9.62
N TYR B 283 21.08 -22.46 8.76
CA TYR B 283 20.71 -22.99 7.46
C TYR B 283 20.41 -24.48 7.58
N HIS B 284 19.34 -24.91 6.91
CA HIS B 284 19.07 -26.32 6.67
C HIS B 284 18.89 -26.53 5.19
N GLN B 285 19.68 -27.44 4.64
CA GLN B 285 19.67 -27.69 3.21
C GLN B 285 18.29 -28.14 2.72
N LYS B 286 17.78 -27.48 1.69
CA LYS B 286 16.51 -27.87 1.10
C LYS B 286 16.50 -29.35 0.71
N HIS B 287 15.36 -29.99 0.89
CA HIS B 287 15.18 -31.37 0.41
C HIS B 287 13.70 -31.66 0.22
N VAL B 288 13.40 -32.50 -0.77
CA VAL B 288 12.05 -32.95 -1.02
C VAL B 288 11.95 -34.46 -0.70
N ILE B 289 13.09 -35.10 -0.43
CA ILE B 289 13.17 -36.53 -0.09
C ILE B 289 13.79 -36.73 1.32
N SER B 290 13.07 -37.43 2.20
CA SER B 290 13.59 -37.67 3.56
C SER B 290 14.07 -39.09 3.79
N LYS B 291 13.72 -40.01 2.90
CA LYS B 291 14.12 -41.41 3.08
C LYS B 291 13.98 -42.26 1.83
N ILE B 292 15.00 -43.03 1.51
CA ILE B 292 14.80 -44.15 0.62
C ILE B 292 15.13 -45.46 1.29
N GLU B 293 14.22 -46.40 1.21
CA GLU B 293 14.39 -47.68 1.88
C GLU B 293 14.11 -48.83 0.91
N ALA B 294 15.00 -49.83 0.93
CA ALA B 294 14.82 -51.05 0.14
C ALA B 294 13.87 -52.04 0.82
N ALA B 295 13.36 -52.96 0.01
CA ALA B 295 12.48 -54.04 0.46
C ALA B 295 13.08 -54.85 1.61
N ASP B 296 14.39 -55.06 1.56
CA ASP B 296 15.11 -55.91 2.52
C ASP B 296 15.59 -55.14 3.76
N GLY B 297 15.03 -53.95 3.98
CA GLY B 297 15.27 -53.20 5.20
C GLY B 297 16.42 -52.22 5.09
N ARG B 298 17.22 -52.37 4.04
CA ARG B 298 18.30 -51.42 3.73
C ARG B 298 17.81 -49.98 3.51
N VAL B 299 18.13 -49.09 4.44
CA VAL B 299 17.99 -47.65 4.20
C VAL B 299 19.12 -47.18 3.28
N VAL B 300 18.85 -47.02 1.99
CA VAL B 300 19.88 -46.51 1.10
C VAL B 300 20.10 -45.00 1.27
N TYR B 301 19.06 -44.30 1.72
CA TYR B 301 19.19 -42.87 2.09
C TYR B 301 18.22 -42.38 3.17
N GLU B 302 18.75 -41.63 4.12
CA GLU B 302 17.91 -40.92 5.05
C GLU B 302 18.45 -39.54 5.37
N TYR B 303 17.60 -38.53 5.24
CA TYR B 303 18.09 -37.16 5.32
C TYR B 303 18.67 -36.88 6.70
N GLN B 304 19.88 -36.34 6.72
CA GLN B 304 20.59 -36.03 7.95
C GLN B 304 20.45 -34.55 8.28
N ASP B 305 19.87 -34.23 9.42
CA ASP B 305 19.87 -32.86 9.93
C ASP B 305 21.30 -32.35 10.17
N LYS B 306 21.71 -31.35 9.38
CA LYS B 306 23.04 -30.74 9.52
C LYS B 306 22.96 -29.20 9.58
N PRO B 307 22.40 -28.64 10.64
CA PRO B 307 22.34 -27.19 10.80
C PRO B 307 23.68 -26.50 10.57
N VAL B 308 23.68 -25.34 9.89
CA VAL B 308 24.86 -24.49 9.80
C VAL B 308 24.50 -23.08 10.23
N GLN B 309 25.24 -22.52 11.20
CA GLN B 309 25.13 -21.12 11.56
C GLN B 309 25.82 -20.24 10.53
N VAL B 310 25.05 -19.72 9.59
CA VAL B 310 25.58 -18.87 8.54
C VAL B 310 25.73 -17.42 9.02
N TYR B 311 24.66 -16.84 9.57
CA TYR B 311 24.74 -15.55 10.26
C TYR B 311 24.55 -15.79 11.73
N SER B 312 25.15 -14.94 12.56
CA SER B 312 24.86 -14.96 13.98
C SER B 312 23.35 -14.74 14.24
N LYS B 313 22.88 -15.27 15.35
CA LYS B 313 21.49 -15.09 15.76
C LYS B 313 21.19 -13.60 15.87
N ALA B 314 22.19 -12.83 16.30
CA ALA B 314 22.05 -11.38 16.42
C ALA B 314 21.74 -10.75 15.06
N THR B 315 22.56 -11.08 14.06
CA THR B 315 22.39 -10.59 12.72
C THR B 315 21.02 -10.94 12.15
N ALA B 316 20.67 -12.22 12.23
CA ALA B 316 19.44 -12.73 11.63
C ALA B 316 18.22 -12.04 12.25
N THR B 317 18.20 -11.93 13.57
CA THR B 317 17.02 -11.41 14.23
C THR B 317 16.88 -9.92 14.00
N ILE B 318 18.00 -9.22 13.89
CA ILE B 318 17.97 -7.82 13.47
C ILE B 318 17.39 -7.70 12.07
N MET B 319 17.91 -8.50 11.14
CA MET B 319 17.40 -8.53 9.77
C MET B 319 15.90 -8.79 9.71
N GLN B 320 15.43 -9.75 10.51
CA GLN B 320 13.99 -10.00 10.66
C GLN B 320 13.16 -8.72 10.92
N GLY B 321 13.64 -7.90 11.84
CA GLY B 321 12.97 -6.67 12.19
C GLY B 321 12.89 -5.70 11.03
N LEU B 322 13.95 -5.63 10.23
CA LEU B 322 13.95 -4.79 9.03
C LEU B 322 13.01 -5.39 7.97
N LEU B 323 13.07 -6.70 7.76
CA LEU B 323 12.20 -7.30 6.77
C LEU B 323 10.72 -7.28 7.18
N ARG B 324 10.43 -7.27 8.48
CA ARG B 324 9.08 -7.00 8.94
C ARG B 324 8.52 -5.72 8.33
N GLU B 325 9.34 -4.68 8.32
CA GLU B 325 8.86 -3.37 7.88
C GLU B 325 8.84 -3.18 6.37
N VAL B 326 9.65 -3.98 5.67
CA VAL B 326 9.65 -3.95 4.22
C VAL B 326 8.23 -4.25 3.78
N LEU B 327 7.63 -5.26 4.41
CA LEU B 327 6.27 -5.70 4.07
C LEU B 327 5.26 -4.70 4.57
N SER B 328 5.43 -4.27 5.82
CA SER B 328 4.41 -3.45 6.48
C SER B 328 4.42 -2.01 5.96
N SER B 329 5.59 -1.53 5.54
CA SER B 329 5.64 -0.21 4.88
C SER B 329 4.86 -0.16 3.56
N ARG B 330 4.72 -1.31 2.90
CA ARG B 330 3.96 -1.43 1.68
C ARG B 330 4.54 -0.64 0.52
N VAL B 331 5.80 -0.25 0.63
CA VAL B 331 6.38 0.55 -0.44
C VAL B 331 6.51 -0.21 -1.74
N THR B 332 7.14 -1.38 -1.72
CA THR B 332 7.41 -2.12 -2.95
C THR B 332 6.51 -3.35 -3.09
N THR B 333 5.57 -3.52 -2.17
CA THR B 333 4.56 -4.56 -2.33
C THR B 333 3.26 -4.32 -1.54
N THR B 334 2.13 -4.71 -2.14
CA THR B 334 0.82 -4.53 -1.51
C THR B 334 0.39 -5.69 -0.62
N PHE B 335 1.29 -6.66 -0.45
CA PHE B 335 0.95 -7.95 0.15
C PHE B 335 0.16 -7.89 1.47
N LYS B 336 0.63 -7.10 2.44
CA LYS B 336 -0.04 -7.07 3.74
C LYS B 336 -1.46 -6.55 3.59
N SER B 337 -1.65 -5.62 2.65
CA SER B 337 -2.99 -5.07 2.38
C SER B 337 -3.88 -6.16 1.83
N ASN B 338 -3.39 -6.85 0.80
CA ASN B 338 -4.09 -7.95 0.16
C ASN B 338 -4.45 -9.03 1.16
N LEU B 339 -3.48 -9.45 1.96
CA LEU B 339 -3.72 -10.52 2.92
C LEU B 339 -4.71 -10.08 4.00
N THR B 340 -4.60 -8.84 4.44
CA THR B 340 -5.54 -8.30 5.41
C THR B 340 -7.01 -8.47 4.99
N SER B 341 -7.29 -8.19 3.73
CA SER B 341 -8.64 -8.25 3.22
C SER B 341 -9.13 -9.70 3.05
N LEU B 342 -8.19 -10.61 2.79
CA LEU B 342 -8.50 -12.02 2.57
C LEU B 342 -8.60 -12.82 3.87
N ASN B 343 -7.82 -12.44 4.88
CA ASN B 343 -7.69 -13.23 6.10
C ASN B 343 -6.96 -12.40 7.16
N PRO B 344 -7.71 -11.53 7.83
CA PRO B 344 -7.14 -10.53 8.73
C PRO B 344 -6.34 -11.19 9.86
N THR B 345 -6.85 -12.30 10.36
CA THR B 345 -6.16 -13.03 11.39
C THR B 345 -4.79 -13.50 10.89
N LEU B 346 -4.78 -14.14 9.74
CA LEU B 346 -3.52 -14.55 9.11
C LEU B 346 -2.56 -13.37 8.83
N ALA B 347 -3.11 -12.23 8.38
CA ALA B 347 -2.29 -11.02 8.16
C ALA B 347 -1.67 -10.52 9.46
N ASN B 348 -2.12 -11.03 10.60
CA ASN B 348 -1.54 -10.63 11.88
C ASN B 348 -0.48 -11.56 12.40
N ALA B 349 -0.25 -12.68 11.73
CA ALA B 349 1.00 -13.42 11.96
C ALA B 349 2.21 -12.55 11.64
N ASP B 350 3.38 -12.94 12.12
CA ASP B 350 4.56 -12.11 12.03
C ASP B 350 5.26 -12.28 10.65
N TRP B 351 4.66 -11.71 9.61
CA TRP B 351 5.26 -11.70 8.27
C TRP B 351 6.46 -10.76 8.11
N ILE B 352 7.54 -11.31 7.58
CA ILE B 352 8.64 -10.53 7.07
C ILE B 352 8.92 -10.97 5.62
N GLY B 353 9.63 -10.15 4.85
CA GLY B 353 9.82 -10.47 3.44
C GLY B 353 10.68 -9.49 2.71
N LYS B 354 10.96 -9.77 1.43
CA LYS B 354 11.66 -8.82 0.57
C LYS B 354 11.18 -9.00 -0.88
N THR B 355 11.11 -7.90 -1.62
CA THR B 355 10.70 -7.98 -3.01
C THR B 355 11.90 -7.94 -3.96
N GLY B 356 11.69 -8.44 -5.18
CA GLY B 356 12.66 -8.23 -6.24
C GLY B 356 12.03 -7.85 -7.57
N THR B 357 12.75 -7.01 -8.32
CA THR B 357 12.38 -6.63 -9.70
C THR B 357 13.64 -6.40 -10.55
N THR B 358 13.81 -7.17 -11.63
CA THR B 358 14.95 -6.94 -12.53
C THR B 358 14.74 -5.66 -13.33
N GLY B 359 15.81 -5.20 -13.98
CA GLY B 359 15.88 -3.82 -14.44
C GLY B 359 14.91 -3.54 -15.58
N GLN B 360 14.62 -4.56 -16.38
CA GLN B 360 13.66 -4.44 -17.47
C GLN B 360 12.31 -5.07 -17.10
N ASP B 361 12.09 -5.35 -15.82
CA ASP B 361 10.79 -5.84 -15.38
C ASP B 361 10.55 -7.28 -15.84
N GLU B 362 11.62 -8.01 -16.10
CA GLU B 362 11.53 -9.40 -16.55
C GLU B 362 11.20 -10.37 -15.43
N ASN B 363 11.55 -10.05 -14.20
CA ASN B 363 11.42 -10.99 -13.09
C ASN B 363 10.96 -10.30 -11.83
N MET B 364 9.90 -10.83 -11.23
CA MET B 364 9.40 -10.32 -9.97
C MET B 364 9.56 -11.40 -8.94
N TRP B 365 10.01 -11.02 -7.75
CA TRP B 365 10.11 -11.97 -6.65
C TRP B 365 9.47 -11.37 -5.43
N LEU B 366 8.80 -12.22 -4.68
CA LEU B 366 8.43 -11.93 -3.30
C LEU B 366 8.84 -13.10 -2.44
N MET B 367 9.63 -12.82 -1.41
CA MET B 367 10.02 -13.86 -0.47
C MET B 367 9.36 -13.58 0.90
N LEU B 368 8.49 -14.47 1.35
CA LEU B 368 7.77 -14.34 2.63
C LEU B 368 8.22 -15.36 3.67
N SER B 369 8.26 -14.95 4.95
CA SER B 369 8.50 -15.87 6.07
C SER B 369 7.58 -15.55 7.24
N THR B 370 7.13 -16.58 7.95
CA THR B 370 6.84 -16.50 9.38
C THR B 370 7.92 -17.31 10.11
N PRO B 371 7.93 -17.34 11.44
CA PRO B 371 9.04 -18.07 12.10
C PRO B 371 9.06 -19.53 11.68
N ARG B 372 7.90 -20.06 11.26
CA ARG B 372 7.79 -21.49 10.97
C ARG B 372 8.07 -21.85 9.52
N LEU B 373 7.66 -20.98 8.60
CA LEU B 373 7.71 -21.28 7.17
C LEU B 373 8.29 -20.12 6.33
N THR B 374 8.97 -20.47 5.24
CA THR B 374 9.27 -19.52 4.18
C THR B 374 8.56 -19.92 2.88
N LEU B 375 7.96 -18.94 2.21
CA LEU B 375 7.37 -19.13 0.90
C LEU B 375 8.10 -18.25 -0.11
N GLY B 376 8.83 -18.88 -1.04
CA GLY B 376 9.45 -18.15 -2.15
C GLY B 376 8.50 -17.99 -3.33
N GLY B 377 8.53 -16.83 -3.97
CA GLY B 377 7.70 -16.64 -5.16
C GLY B 377 8.44 -15.89 -6.26
N TRP B 378 8.42 -16.48 -7.46
CA TRP B 378 8.91 -15.82 -8.68
C TRP B 378 7.78 -15.76 -9.70
N ILE B 379 7.75 -14.68 -10.47
CA ILE B 379 6.95 -14.64 -11.70
C ILE B 379 7.71 -14.02 -12.87
N GLY B 380 7.36 -14.44 -14.08
CA GLY B 380 7.89 -13.80 -15.29
C GLY B 380 7.55 -14.63 -16.51
N HIS B 381 8.28 -14.41 -17.60
CA HIS B 381 8.02 -15.10 -18.86
C HIS B 381 9.16 -16.06 -19.23
N ASP B 382 8.85 -17.22 -19.76
CA ASP B 382 9.90 -18.20 -20.05
C ASP B 382 10.88 -17.68 -21.09
N ASP B 383 10.44 -16.74 -21.92
CA ASP B 383 11.28 -16.16 -22.96
C ASP B 383 11.90 -14.82 -22.49
N ASN B 384 11.62 -14.43 -21.26
CA ASN B 384 12.31 -13.32 -20.64
C ASN B 384 11.82 -11.93 -21.05
N HIS B 385 10.69 -11.83 -21.73
CA HIS B 385 10.22 -10.50 -22.08
C HIS B 385 9.58 -9.80 -20.88
N SER B 386 9.38 -8.48 -20.97
CA SER B 386 9.04 -7.67 -19.79
C SER B 386 7.63 -7.94 -19.29
N LEU B 387 7.47 -7.95 -17.99
CA LEU B 387 6.15 -7.86 -17.37
C LEU B 387 5.72 -6.41 -17.33
N SER B 388 4.44 -6.17 -17.09
CA SER B 388 3.95 -4.84 -16.74
C SER B 388 4.72 -4.30 -15.54
N GLN B 389 4.61 -2.99 -15.35
CA GLN B 389 5.42 -2.32 -14.35
C GLN B 389 5.02 -2.68 -12.92
N GLN B 390 3.73 -2.87 -12.66
CA GLN B 390 3.24 -3.19 -11.31
C GLN B 390 3.07 -4.70 -11.06
N ALA B 391 3.63 -5.53 -11.94
CA ALA B 391 3.35 -6.98 -11.89
C ALA B 391 3.77 -7.51 -10.52
N GLY B 392 4.95 -7.10 -10.06
CA GLY B 392 5.47 -7.54 -8.79
C GLY B 392 4.85 -6.86 -7.60
N TYR B 393 4.69 -5.53 -7.71
CA TYR B 393 4.20 -4.70 -6.61
C TYR B 393 2.81 -5.15 -6.24
N SER B 394 2.02 -5.40 -7.27
CA SER B 394 0.60 -5.63 -7.11
C SER B 394 0.18 -7.07 -7.48
N ASN B 395 0.21 -7.42 -8.76
CA ASN B 395 -0.17 -8.75 -9.20
C ASN B 395 0.42 -9.91 -8.38
N ASN B 396 1.75 -10.01 -8.32
CA ASN B 396 2.36 -11.12 -7.60
C ASN B 396 2.01 -11.10 -6.12
N SER B 397 1.87 -9.89 -5.58
CA SER B 397 1.59 -9.73 -4.15
C SER B 397 0.19 -10.22 -3.83
N ASN B 398 -0.75 -9.88 -4.71
CA ASN B 398 -2.12 -10.32 -4.57
C ASN B 398 -2.24 -11.84 -4.72
N TYR B 399 -1.64 -12.39 -5.76
CA TYR B 399 -1.66 -13.84 -5.99
C TYR B 399 -1.12 -14.57 -4.76
N MET B 400 0.02 -14.13 -4.25
CA MET B 400 0.67 -14.84 -3.15
C MET B 400 -0.11 -14.70 -1.83
N ALA B 401 -0.85 -13.61 -1.66
CA ALA B 401 -1.76 -13.51 -0.52
C ALA B 401 -2.89 -14.55 -0.67
N HIS B 402 -3.31 -14.80 -1.91
CA HIS B 402 -4.29 -15.84 -2.15
C HIS B 402 -3.67 -17.21 -1.83
N LEU B 403 -2.40 -17.35 -2.17
CA LEU B 403 -1.72 -18.62 -2.02
C LEU B 403 -1.45 -18.89 -0.54
N VAL B 404 -1.08 -17.83 0.17
CA VAL B 404 -0.78 -17.93 1.58
C VAL B 404 -2.04 -18.29 2.34
N ASN B 405 -3.15 -17.69 1.91
CA ASN B 405 -4.43 -18.00 2.50
C ASN B 405 -4.88 -19.42 2.19
N ALA B 406 -4.76 -19.83 0.93
CA ALA B 406 -5.13 -21.21 0.58
C ALA B 406 -4.35 -22.25 1.39
N ILE B 407 -3.08 -21.96 1.67
CA ILE B 407 -2.27 -22.85 2.51
C ILE B 407 -2.83 -22.89 3.93
N GLN B 408 -3.23 -21.73 4.47
CA GLN B 408 -3.88 -21.68 5.78
C GLN B 408 -5.13 -22.54 5.86
N GLN B 409 -6.08 -22.28 4.97
CA GLN B 409 -7.29 -23.10 4.92
C GLN B 409 -6.99 -24.60 5.02
N ALA B 410 -5.95 -25.06 4.35
CA ALA B 410 -5.70 -26.50 4.26
C ALA B 410 -5.10 -27.04 5.53
N SER B 411 -4.45 -26.15 6.28
CA SER B 411 -3.63 -26.56 7.42
C SER B 411 -3.46 -25.37 8.36
N PRO B 412 -4.45 -25.17 9.24
CA PRO B 412 -4.76 -23.84 9.73
C PRO B 412 -3.73 -23.36 10.73
N SER B 413 -2.96 -24.31 11.26
CA SER B 413 -1.91 -23.99 12.21
C SER B 413 -0.51 -23.96 11.59
N ILE B 414 -0.40 -24.19 10.28
CA ILE B 414 0.89 -24.45 9.64
C ILE B 414 1.83 -23.22 9.68
N TRP B 415 1.26 -22.03 9.54
CA TRP B 415 2.05 -20.79 9.52
C TRP B 415 2.59 -20.44 10.89
N GLY B 416 1.83 -20.77 11.94
CA GLY B 416 2.26 -20.47 13.28
C GLY B 416 1.91 -19.08 13.76
N ASN B 417 1.86 -18.94 15.09
CA ASN B 417 1.53 -17.68 15.73
C ASN B 417 2.75 -17.09 16.45
N GLU B 418 3.89 -17.75 16.35
CA GLU B 418 5.13 -17.26 16.94
C GLU B 418 5.54 -15.91 16.35
N ARG B 419 6.45 -15.22 17.05
CA ARG B 419 6.90 -13.90 16.66
C ARG B 419 8.42 -13.93 16.51
N PHE B 420 8.93 -13.23 15.52
CA PHE B 420 10.38 -13.06 15.43
C PHE B 420 10.73 -12.10 16.54
N ALA B 421 11.87 -12.33 17.19
CA ALA B 421 12.31 -11.47 18.28
C ALA B 421 13.83 -11.31 18.24
N LEU B 422 14.33 -10.14 18.67
CA LEU B 422 15.77 -9.92 18.82
C LEU B 422 16.38 -10.96 19.75
N ASP B 423 17.44 -11.61 19.32
CA ASP B 423 18.21 -12.45 20.21
C ASP B 423 18.76 -11.61 21.36
N PRO B 424 18.94 -12.22 22.53
CA PRO B 424 19.55 -11.53 23.67
C PRO B 424 20.92 -10.94 23.32
N SER B 425 21.68 -11.64 22.49
CA SER B 425 23.06 -11.23 22.17
C SER B 425 23.13 -9.94 21.36
N VAL B 426 21.99 -9.47 20.86
CA VAL B 426 21.92 -8.24 20.09
C VAL B 426 22.32 -7.05 20.98
N VAL B 427 23.34 -6.30 20.55
CA VAL B 427 23.74 -5.07 21.23
C VAL B 427 22.94 -3.84 20.79
N LYS B 428 22.37 -3.11 21.75
CA LYS B 428 21.64 -1.86 21.47
C LYS B 428 22.49 -0.63 21.75
N SER B 429 22.37 0.37 20.90
CA SER B 429 23.11 1.63 21.07
C SER B 429 22.21 2.83 20.81
N GLU B 430 22.38 3.87 21.63
CA GLU B 430 21.76 5.17 21.40
C GLU B 430 22.54 5.97 20.37
N VAL B 431 21.91 6.26 19.23
CA VAL B 431 22.62 6.99 18.18
C VAL B 431 21.84 8.19 17.64
N LEU B 432 22.55 9.13 17.04
CA LEU B 432 21.91 10.22 16.31
C LEU B 432 21.17 9.68 15.08
N LYS B 433 19.93 10.12 14.90
CA LYS B 433 19.15 9.72 13.74
C LYS B 433 19.86 10.24 12.50
N SER B 434 20.47 11.40 12.62
CA SER B 434 21.16 12.03 11.49
C SER B 434 22.33 11.19 11.03
N THR B 435 23.12 10.65 11.96
CA THR B 435 24.40 10.05 11.58
C THR B 435 24.44 8.53 11.76
N GLY B 436 23.41 7.98 12.40
CA GLY B 436 23.42 6.56 12.75
C GLY B 436 24.51 6.17 13.73
N GLN B 437 25.20 7.17 14.29
CA GLN B 437 26.31 6.92 15.22
C GLN B 437 26.18 7.73 16.52
N LYS B 438 26.95 7.36 17.53
CA LYS B 438 26.75 7.94 18.86
C LYS B 438 27.14 9.42 18.83
N PRO B 439 26.41 10.24 19.59
CA PRO B 439 26.64 11.68 19.61
C PRO B 439 28.00 12.02 20.20
N GLY B 440 28.52 13.20 19.85
CA GLY B 440 29.91 13.49 20.11
C GLY B 440 30.41 14.59 19.20
N LYS B 441 31.68 14.95 19.37
CA LYS B 441 32.27 16.04 18.60
C LYS B 441 32.78 15.52 17.26
N VAL B 442 32.69 16.37 16.24
CA VAL B 442 33.24 16.06 14.92
C VAL B 442 34.03 17.26 14.41
N SER B 443 35.05 16.99 13.59
CA SER B 443 35.69 18.08 12.86
C SER B 443 35.00 18.32 11.53
N VAL B 444 34.18 19.36 11.46
CA VAL B 444 33.60 19.79 10.18
C VAL B 444 34.42 20.89 9.55
N GLU B 445 35.27 20.51 8.59
CA GLU B 445 35.96 21.49 7.75
C GLU B 445 36.62 22.55 8.62
N GLY B 446 37.65 22.15 9.36
CA GLY B 446 38.37 23.07 10.24
C GLY B 446 37.77 23.12 11.63
N LYS B 447 36.56 23.66 11.73
CA LYS B 447 35.92 23.93 13.02
C LYS B 447 35.26 22.69 13.62
N GLU B 448 35.65 22.37 14.86
CA GLU B 448 35.16 21.17 15.54
C GLU B 448 33.79 21.39 16.21
N VAL B 449 32.88 20.43 16.04
CA VAL B 449 31.45 20.67 16.25
C VAL B 449 30.79 19.70 17.22
N GLU B 450 29.84 20.22 17.99
CA GLU B 450 29.18 19.46 19.05
C GLU B 450 27.94 18.73 18.52
N VAL B 451 28.14 17.56 17.94
CA VAL B 451 27.09 16.95 17.13
C VAL B 451 25.95 16.35 17.93
N THR B 452 24.79 16.99 17.80
CA THR B 452 23.73 16.88 18.77
C THR B 452 22.44 16.61 18.02
N GLY B 453 21.40 16.17 18.73
CA GLY B 453 20.07 16.08 18.13
C GLY B 453 19.33 14.87 18.65
N SER B 454 18.18 14.56 18.05
CA SER B 454 17.37 13.47 18.53
C SER B 454 18.03 12.11 18.24
N THR B 455 17.70 11.12 19.05
CA THR B 455 18.36 9.83 19.00
C THR B 455 17.38 8.72 18.66
N VAL B 456 17.93 7.55 18.33
CA VAL B 456 17.16 6.35 18.09
C VAL B 456 17.98 5.17 18.59
N THR B 457 17.32 4.09 19.00
CA THR B 457 18.01 2.84 19.33
C THR B 457 18.41 2.11 18.07
N SER B 458 19.69 1.75 17.98
CA SER B 458 20.18 1.05 16.79
C SER B 458 20.76 -0.29 17.21
N TYR B 459 20.40 -1.35 16.48
CA TYR B 459 20.80 -2.72 16.84
C TYR B 459 22.05 -3.15 16.09
N TRP B 460 23.01 -3.69 16.83
CA TRP B 460 24.25 -4.21 16.23
C TRP B 460 24.46 -5.70 16.53
N ALA B 461 25.28 -6.38 15.71
CA ALA B 461 25.63 -7.77 15.99
C ALA B 461 27.12 -7.93 16.29
N ASN B 462 27.68 -6.96 17.00
CA ASN B 462 29.07 -7.01 17.41
C ASN B 462 29.19 -7.03 18.94
N LYS B 463 30.39 -6.78 19.46
CA LYS B 463 30.57 -6.66 20.90
C LYS B 463 30.11 -5.31 21.46
N SER B 464 30.45 -4.21 20.77
CA SER B 464 30.47 -2.89 21.41
C SER B 464 29.52 -1.87 20.78
N GLY B 465 28.75 -2.31 19.78
CA GLY B 465 27.72 -1.45 19.21
C GLY B 465 28.25 -0.36 18.30
N ALA B 466 27.45 0.69 18.14
CA ALA B 466 27.79 1.77 17.22
C ALA B 466 29.06 2.48 17.67
N PRO B 467 29.83 2.98 16.73
CA PRO B 467 30.92 3.89 17.05
C PRO B 467 30.44 5.31 17.34
N ALA B 468 31.37 6.14 17.81
CA ALA B 468 31.20 7.58 17.80
C ALA B 468 31.04 8.08 16.37
N THR B 469 30.17 9.06 16.20
CA THR B 469 30.09 9.76 14.92
C THR B 469 31.45 10.26 14.46
N SER B 470 31.83 9.90 13.23
CA SER B 470 32.97 10.52 12.55
C SER B 470 32.50 11.28 11.32
N TYR B 471 33.42 11.95 10.63
CA TYR B 471 33.01 12.78 9.50
C TYR B 471 32.30 11.93 8.46
N ARG B 472 32.91 10.81 8.10
CA ARG B 472 32.28 9.88 7.19
C ARG B 472 31.42 8.87 7.95
N PHE B 473 30.35 9.36 8.56
CA PHE B 473 29.44 8.51 9.33
C PHE B 473 28.71 7.46 8.48
N ALA B 474 28.61 7.68 7.17
CA ALA B 474 27.72 6.86 6.35
C ALA B 474 28.48 5.80 5.56
N ILE B 475 27.76 4.75 5.15
CA ILE B 475 28.29 3.83 4.17
C ILE B 475 28.22 4.46 2.80
N GLY B 476 29.38 4.69 2.20
CA GLY B 476 29.44 5.34 0.89
C GLY B 476 29.44 6.85 1.01
N GLY B 477 29.42 7.53 -0.13
CA GLY B 477 29.39 8.98 -0.17
C GLY B 477 30.72 9.56 -0.64
N SER B 478 30.63 10.59 -1.50
CA SER B 478 31.80 11.37 -1.91
C SER B 478 32.05 12.56 -0.99
N ASP B 479 33.18 13.24 -1.19
CA ASP B 479 33.44 14.48 -0.46
C ASP B 479 32.33 15.51 -0.64
N ALA B 480 31.94 15.77 -1.89
CA ALA B 480 30.80 16.63 -2.19
C ALA B 480 29.56 16.22 -1.41
N ASP B 481 29.25 14.93 -1.41
CA ASP B 481 28.11 14.42 -0.67
C ASP B 481 28.17 14.76 0.82
N TYR B 482 29.34 14.57 1.40
CA TYR B 482 29.45 14.67 2.83
C TYR B 482 29.39 16.14 3.28
N GLN B 483 30.10 16.99 2.56
CA GLN B 483 29.87 18.43 2.63
C GLN B 483 28.38 18.76 2.67
N ASN B 484 27.65 18.33 1.65
CA ASN B 484 26.25 18.69 1.49
C ASN B 484 25.40 18.23 2.65
N ALA B 485 25.71 17.04 3.17
CA ALA B 485 24.92 16.45 4.24
C ALA B 485 25.22 17.09 5.58
N TRP B 486 26.47 17.49 5.79
CA TRP B 486 26.86 18.12 7.04
C TRP B 486 26.34 19.54 7.05
N SER B 487 26.56 20.25 5.96
CA SER B 487 25.74 21.42 5.67
C SER B 487 24.40 21.31 6.38
N SER B 488 23.60 20.33 5.97
CA SER B 488 22.29 20.06 6.55
C SER B 488 22.28 19.81 8.07
N ILE B 489 23.10 18.86 8.53
CA ILE B 489 23.08 18.46 9.95
C ILE B 489 23.47 19.61 10.87
N VAL B 490 24.50 20.36 10.49
CA VAL B 490 24.94 21.54 11.26
C VAL B 490 23.84 22.59 11.36
N GLY B 491 23.12 22.80 10.26
CA GLY B 491 21.91 23.61 10.28
C GLY B 491 20.94 23.29 11.41
N SER B 492 20.75 22.00 11.67
CA SER B 492 19.61 21.54 12.46
C SER B 492 19.92 21.59 13.96
N LEU B 493 21.19 21.81 14.29
CA LEU B 493 21.52 22.22 15.65
C LEU B 493 21.28 23.71 15.83
O10 Z06 C . -4.43 19.61 11.81
C8 Z06 C . -5.12 19.96 10.87
C9 Z06 C . -6.04 21.17 10.96
N7 Z06 C . -5.15 19.31 9.67
C6 Z06 C . -4.46 18.17 9.35
C5 Z06 C . -4.97 17.38 8.31
C4 Z06 C . -4.31 16.22 7.91
B14 Z06 C . -4.91 15.28 6.80
O15 Z06 C . -6.25 14.66 7.21
O16 Z06 C . -3.91 14.31 6.12
C3 Z06 C . -3.18 15.79 8.59
C1 Z06 C . -3.31 17.77 10.01
C2 Z06 C . -2.69 16.57 9.63
C11 Z06 C . -1.44 16.05 10.28
O13 Z06 C . -1.26 14.84 10.30
O12 Z06 C . -0.54 16.88 10.80
S SO4 D . -26.49 18.56 7.57
O1 SO4 D . -25.23 19.32 7.78
O2 SO4 D . -26.18 17.11 7.42
O3 SO4 D . -27.16 19.07 6.36
O4 SO4 D . -27.35 18.73 8.75
CL CL E . -13.54 36.05 6.51
CL CL F . -14.84 33.74 1.92
CL CL G . -4.65 0.82 -9.54
CL CL H . -6.83 33.08 -18.43
CL CL I . 3.34 11.21 -5.45
CL CL J . -36.14 -0.34 -3.42
CL CL K . -56.38 12.64 2.76
CL CL L . 13.12 34.39 3.05
CL CL M . 1.66 25.66 -23.71
CL CL N . -5.31 23.19 -24.91
CL CL O . -21.88 21.85 7.14
CL CL P . -34.66 14.43 2.81
NA NA Q . -5.23 11.57 5.26
C1 EDO R . -3.37 14.52 -12.72
O1 EDO R . -4.05 15.24 -13.76
C2 EDO R . -2.84 13.23 -13.31
O2 EDO R . -1.40 13.32 -13.34
CL CL S . -1.43 -1.05 -0.23
O10 Z06 T . 20.00 -3.67 -12.13
C8 Z06 T . 20.16 -4.49 -11.24
C9 Z06 T . 21.31 -5.51 -11.25
N7 Z06 T . 19.33 -4.61 -10.16
C6 Z06 T . 18.22 -3.89 -9.87
C5 Z06 T . 17.46 -4.34 -8.77
C4 Z06 T . 16.33 -3.64 -8.34
B14 Z06 T . 15.44 -4.23 -7.18
O15 Z06 T . 14.82 -5.61 -7.55
O16 Z06 T . 14.56 -3.20 -6.45
C3 Z06 T . 15.90 -2.52 -9.04
C1 Z06 T . 17.80 -2.73 -10.55
C2 Z06 T . 16.64 -2.06 -10.13
C11 Z06 T . 16.12 -0.86 -10.87
O13 Z06 T . 14.98 -0.45 -10.66
O12 Z06 T . 16.88 -0.27 -11.79
S SO4 U . 19.42 -25.87 -7.27
O1 SO4 U . 20.12 -24.60 -7.59
O2 SO4 U . 17.97 -25.60 -7.05
O3 SO4 U . 19.97 -26.43 -6.02
O4 SO4 U . 19.63 -26.86 -8.34
CL CL V . 36.56 -12.03 -6.34
CL CL W . 34.13 -13.41 -1.76
CL CL X . 33.06 -5.13 18.66
CL CL Y . 10.94 4.13 4.96
CL CL Z . 15.45 -56.01 -1.33
CL CL AA . 33.95 14.71 -4.22
CL CL BA . 24.76 3.47 23.88
CL CL CA . 22.85 -3.68 24.77
CL CL DA . 22.51 -21.20 -6.74
CL CL EA . 24.92 -16.63 17.17
CL CL FA . 1.15 -35.84 3.77
CL CL GA . 9.10 -31.26 -13.12
NA NA HA . 11.74 -4.53 -5.60
NA NA IA . -6.13 -14.15 -17.67
#